data_4PLF
#
_entry.id   4PLF
#
_cell.length_a   113.440
_cell.length_b   143.190
_cell.length_c   91.420
_cell.angle_alpha   90.000
_cell.angle_beta   90.000
_cell.angle_gamma   90.000
#
_symmetry.space_group_name_H-M   'C 2 2 21'
#
loop_
_entity.id
_entity.type
_entity.pdbx_description
1 polymer 'lactate dehydrogenase'
2 non-polymer '1,4-DIHYDRONICOTINAMIDE ADENINE DINUCLEOTIDE'
3 non-polymer 'PYRUVIC ACID'
4 non-polymer NICOTINAMIDE-ADENINE-DINUCLEOTIDE
5 water water
#
_entity_poly.entity_id   1
_entity_poly.type   'polypeptide(L)'
_entity_poly.pdbx_seq_one_letter_code
;MTGTMTKRKKISLIGSGMIGGTMAYLCAQKELGDVVLFDVVKNMPQGKALDLSHSSSIADTNVKVTGTNSYEDIKGSDVV
IITAGLTKAPGKSDKEWSRDDLLPFNAKIMREVGENIKKYCPNAFVIVITNPLDVMVKVLHEHSGLPKNKVCGMAGVLDS
SRFRHFIAEKLNVSPRDVQAMVIGAHGDKMVPLTRYVTVNGIPLQEFIKKGRITQEEIDEIVERTKNAGGEIVNLLGQGS
AYFAPAASAIEMAEAYLKDKKRVLVCSCYLEGQYGHKDMFVGVPAVIGGNGVEKVIELELTPEEKELFDKSVEEVRKLQK
AIKALGLEHHHHHH
;
_entity_poly.pdbx_strand_id   A,B
#
loop_
_chem_comp.id
_chem_comp.type
_chem_comp.name
_chem_comp.formula
NAD non-polymer NICOTINAMIDE-ADENINE-DINUCLEOTIDE 'C21 H27 N7 O14 P2'
NAI non-polymer '1,4-DIHYDRONICOTINAMIDE ADENINE DINUCLEOTIDE' 'C21 H29 N7 O14 P2'
PYR non-polymer 'PYRUVIC ACID' 'C3 H4 O3'
#
# COMPACT_ATOMS: atom_id res chain seq x y z
N MET A 5 30.09 14.37 10.13
CA MET A 5 29.35 13.19 9.74
C MET A 5 27.85 13.45 9.96
N THR A 6 27.03 12.89 9.10
CA THR A 6 25.57 12.84 9.36
C THR A 6 25.28 11.65 10.23
N LYS A 7 24.71 11.87 11.40
CA LYS A 7 24.46 10.76 12.27
C LYS A 7 23.21 9.96 11.86
N ARG A 8 23.14 8.74 12.36
CA ARG A 8 21.89 7.99 12.31
C ARG A 8 20.80 8.80 12.98
N LYS A 9 19.60 8.59 12.53
CA LYS A 9 18.44 9.11 13.24
C LYS A 9 18.44 8.59 14.65
N LYS A 10 17.87 9.36 15.56
CA LYS A 10 17.76 8.99 16.99
C LYS A 10 16.29 9.06 17.37
N ILE A 11 15.78 7.95 17.85
CA ILE A 11 14.37 7.83 18.21
C ILE A 11 14.32 7.50 19.70
N SER A 12 13.68 8.37 20.49
CA SER A 12 13.51 8.10 21.90
C SER A 12 12.11 7.64 22.21
N LEU A 13 11.99 6.55 22.94
CA LEU A 13 10.74 5.94 23.30
C LEU A 13 10.57 6.12 24.80
N ILE A 14 9.71 7.06 25.14
CA ILE A 14 9.49 7.46 26.51
C ILE A 14 8.33 6.59 27.02
N GLY A 15 8.74 5.54 27.76
CA GLY A 15 7.90 4.43 28.11
C GLY A 15 8.45 3.20 27.38
N SER A 16 8.79 2.17 28.15
CA SER A 16 9.45 0.96 27.65
C SER A 16 8.68 -0.30 27.99
N GLY A 17 7.39 -0.14 28.07
CA GLY A 17 6.48 -1.26 28.30
C GLY A 17 6.15 -1.98 26.99
N MET A 18 4.93 -2.49 26.90
CA MET A 18 4.58 -3.31 25.74
C MET A 18 4.72 -2.54 24.46
N ILE A 19 4.11 -1.39 24.35
CA ILE A 19 4.22 -0.66 23.10
C ILE A 19 5.63 -0.15 22.86
N GLY A 20 6.25 0.41 23.89
CA GLY A 20 7.58 0.93 23.68
C GLY A 20 8.59 -0.13 23.20
N GLY A 21 8.58 -1.31 23.86
CA GLY A 21 9.51 -2.35 23.41
C GLY A 21 9.19 -2.82 22.02
N THR A 22 7.88 -2.93 21.71
CA THR A 22 7.51 -3.41 20.39
C THR A 22 7.90 -2.41 19.32
N MET A 23 7.78 -1.12 19.59
CA MET A 23 8.25 -0.10 18.66
C MET A 23 9.73 -0.16 18.50
N ALA A 24 10.49 -0.39 19.57
CA ALA A 24 11.93 -0.55 19.44
C ALA A 24 12.27 -1.74 18.53
N TYR A 25 11.51 -2.81 18.61
CA TYR A 25 11.73 -3.97 17.79
C TYR A 25 11.52 -3.62 16.36
N LEU A 26 10.45 -2.89 16.03
CA LEU A 26 10.28 -2.46 14.66
C LEU A 26 11.45 -1.59 14.19
N CYS A 27 11.91 -0.67 15.05
CA CYS A 27 13.04 0.20 14.67
C CYS A 27 14.27 -0.70 14.36
N ALA A 28 14.49 -1.77 15.13
CA ALA A 28 15.64 -2.66 14.94
C ALA A 28 15.42 -3.44 13.61
N GLN A 29 14.21 -3.93 13.34
CA GLN A 29 13.97 -4.72 12.14
C GLN A 29 14.12 -3.89 10.89
N LYS A 30 13.67 -2.65 10.98
CA LYS A 30 13.58 -1.70 9.87
C LYS A 30 14.82 -0.79 9.77
N GLU A 31 15.73 -0.91 10.73
CA GLU A 31 16.95 -0.15 10.78
C GLU A 31 16.61 1.34 10.70
N LEU A 32 15.63 1.79 11.47
CA LEU A 32 15.14 3.18 11.33
C LEU A 32 16.09 4.21 11.92
N GLY A 33 16.83 3.82 12.92
CA GLY A 33 17.64 4.77 13.68
C GLY A 33 18.05 4.11 14.98
N ASP A 34 18.95 4.77 15.71
CA ASP A 34 19.25 4.34 17.06
C ASP A 34 18.07 4.61 17.92
N VAL A 35 17.95 3.81 18.97
CA VAL A 35 16.79 3.83 19.84
C VAL A 35 17.22 4.01 21.28
N VAL A 36 16.53 4.90 21.98
CA VAL A 36 16.59 5.06 23.43
C VAL A 36 15.27 4.60 24.02
N LEU A 37 15.35 3.64 24.92
CA LEU A 37 14.20 3.11 25.65
C LEU A 37 14.29 3.65 27.05
N PHE A 38 13.44 4.60 27.36
CA PHE A 38 13.41 5.25 28.66
C PHE A 38 12.22 4.74 29.45
N ASP A 39 12.39 4.52 30.73
CA ASP A 39 11.28 4.19 31.64
C ASP A 39 11.66 4.60 33.02
N VAL A 40 10.67 4.74 33.87
N VAL A 40 10.64 4.73 33.85
CA VAL A 40 10.91 4.93 35.30
CA VAL A 40 10.81 4.93 35.29
C VAL A 40 11.18 3.68 36.10
C VAL A 40 11.29 3.69 36.03
N VAL A 41 10.93 2.51 35.52
CA VAL A 41 11.20 1.27 36.22
C VAL A 41 12.68 0.98 36.03
N LYS A 42 13.40 0.84 37.14
CA LYS A 42 14.84 0.57 37.09
C LYS A 42 15.12 -0.75 36.43
N ASN A 43 16.13 -0.79 35.59
CA ASN A 43 16.76 -2.01 35.00
C ASN A 43 15.93 -2.64 33.86
N MET A 44 14.62 -2.49 33.86
CA MET A 44 13.79 -3.14 32.84
C MET A 44 14.15 -2.64 31.45
N PRO A 45 14.24 -1.33 31.20
CA PRO A 45 14.58 -0.92 29.84
C PRO A 45 15.97 -1.39 29.41
N GLN A 46 16.90 -1.42 30.35
CA GLN A 46 18.22 -1.95 30.09
C GLN A 46 18.15 -3.43 29.64
N GLY A 47 17.32 -4.21 30.29
CA GLY A 47 17.15 -5.60 29.88
C GLY A 47 16.53 -5.72 28.50
N LYS A 48 15.47 -4.98 28.27
CA LYS A 48 14.90 -5.05 26.93
C LYS A 48 15.89 -4.57 25.92
N ALA A 49 16.65 -3.52 26.19
CA ALA A 49 17.60 -3.05 25.21
C ALA A 49 18.65 -4.09 24.88
N LEU A 50 19.08 -4.87 25.86
CA LEU A 50 20.04 -5.93 25.53
C LEU A 50 19.38 -6.94 24.58
N ASP A 51 18.17 -7.37 24.91
CA ASP A 51 17.45 -8.35 24.09
C ASP A 51 17.28 -7.81 22.68
N LEU A 52 16.87 -6.55 22.59
CA LEU A 52 16.71 -5.93 21.28
C LEU A 52 17.98 -5.78 20.49
N SER A 53 19.06 -5.50 21.20
CA SER A 53 20.37 -5.45 20.58
C SER A 53 20.76 -6.79 19.98
N HIS A 54 20.56 -7.87 20.72
CA HIS A 54 20.78 -9.22 20.20
C HIS A 54 19.93 -9.43 18.97
N SER A 55 18.69 -8.97 18.99
N SER A 55 18.69 -8.95 19.02
CA SER A 55 17.79 -9.16 17.85
CA SER A 55 17.73 -9.07 17.91
C SER A 55 18.22 -8.39 16.61
C SER A 55 18.27 -8.43 16.65
N SER A 56 18.89 -7.26 16.81
CA SER A 56 19.44 -6.53 15.65
CA SER A 56 19.42 -6.54 15.67
C SER A 56 20.56 -7.29 15.01
N SER A 57 21.36 -8.01 15.80
CA SER A 57 22.39 -8.83 15.21
C SER A 57 21.74 -9.94 14.33
N ILE A 58 20.70 -10.58 14.81
CA ILE A 58 20.01 -11.58 14.04
C ILE A 58 19.44 -10.99 12.75
N ALA A 59 18.89 -9.78 12.82
CA ALA A 59 18.31 -9.08 11.65
C ALA A 59 19.36 -8.52 10.70
N ASP A 60 20.65 -8.60 11.05
CA ASP A 60 21.68 -7.99 10.23
C ASP A 60 21.47 -6.47 10.05
N THR A 61 20.94 -5.84 11.10
CA THR A 61 20.77 -4.40 11.06
C THR A 61 21.77 -3.76 12.01
N ASN A 62 21.87 -2.45 11.86
CA ASN A 62 22.91 -1.63 12.49
C ASN A 62 22.24 -0.55 13.30
N VAL A 63 21.93 -0.88 14.53
N VAL A 63 21.88 -0.88 14.51
CA VAL A 63 21.02 -0.11 15.43
CA VAL A 63 21.25 0.09 15.38
C VAL A 63 21.58 -0.19 16.84
C VAL A 63 21.81 -0.13 16.75
N LYS A 64 21.87 0.97 17.46
CA LYS A 64 22.18 0.96 18.88
CA LYS A 64 22.17 0.96 18.87
CA LYS A 64 22.17 0.96 18.87
C LYS A 64 20.86 1.08 19.63
N VAL A 65 20.69 0.26 20.63
CA VAL A 65 19.49 0.29 21.49
C VAL A 65 19.98 0.48 22.91
N THR A 66 19.61 1.59 23.52
CA THR A 66 20.08 1.98 24.81
C THR A 66 18.88 2.00 25.74
N GLY A 67 18.93 1.34 26.85
CA GLY A 67 17.89 1.45 27.85
C GLY A 67 18.36 2.38 28.96
N THR A 68 17.41 3.11 29.52
CA THR A 68 17.80 4.15 30.47
C THR A 68 16.68 4.51 31.40
N ASN A 69 17.08 5.03 32.56
CA ASN A 69 16.18 5.66 33.51
C ASN A 69 16.40 7.12 33.65
N SER A 70 17.12 7.68 32.72
CA SER A 70 17.50 9.10 32.79
CA SER A 70 17.44 9.11 32.80
C SER A 70 16.97 9.88 31.59
N TYR A 71 16.21 10.91 31.83
CA TYR A 71 15.72 11.74 30.74
C TYR A 71 16.79 12.35 29.90
N GLU A 72 17.98 12.54 30.47
CA GLU A 72 19.05 13.16 29.70
C GLU A 72 19.39 12.42 28.42
N ASP A 73 19.12 11.14 28.39
CA ASP A 73 19.42 10.33 27.21
C ASP A 73 18.53 10.58 25.99
N ILE A 74 17.52 11.42 26.14
CA ILE A 74 16.67 11.82 25.02
C ILE A 74 17.23 12.99 24.25
N LYS A 75 18.33 13.58 24.70
CA LYS A 75 18.91 14.75 24.06
C LYS A 75 19.14 14.49 22.60
N GLY A 76 18.78 15.44 21.78
CA GLY A 76 19.03 15.36 20.39
C GLY A 76 18.14 14.41 19.59
N SER A 77 17.07 13.87 20.17
CA SER A 77 16.21 12.97 19.45
C SER A 77 15.59 13.63 18.21
N ASP A 78 15.51 12.90 17.12
CA ASP A 78 14.77 13.33 15.98
C ASP A 78 13.28 13.12 16.14
N VAL A 79 12.93 12.00 16.76
CA VAL A 79 11.54 11.58 17.02
C VAL A 79 11.49 11.09 18.45
N VAL A 80 10.40 11.45 19.14
CA VAL A 80 10.07 10.96 20.47
C VAL A 80 8.71 10.36 20.42
N ILE A 81 8.54 9.15 20.95
CA ILE A 81 7.24 8.50 20.97
C ILE A 81 6.90 8.15 22.40
N ILE A 82 5.75 8.63 22.89
CA ILE A 82 5.44 8.62 24.33
C ILE A 82 4.35 7.60 24.59
N THR A 83 4.66 6.58 25.38
CA THR A 83 3.71 5.58 25.85
C THR A 83 3.65 5.50 27.38
N ALA A 84 4.44 6.35 28.07
CA ALA A 84 4.44 6.30 29.50
C ALA A 84 3.09 6.52 30.08
N GLY A 85 2.68 5.67 31.00
CA GLY A 85 1.33 5.76 31.55
C GLY A 85 0.78 4.45 31.95
N LEU A 86 -0.36 4.49 32.57
CA LEU A 86 -1.14 3.30 32.89
C LEU A 86 -2.03 2.87 31.73
N THR A 87 -2.29 1.56 31.62
CA THR A 87 -3.19 1.00 30.64
C THR A 87 -4.59 0.76 31.16
N LYS A 88 -4.72 0.51 32.47
CA LYS A 88 -6.02 0.18 33.10
C LYS A 88 -6.07 0.92 34.41
N ALA A 89 -7.19 1.49 34.72
CA ALA A 89 -7.26 2.31 35.95
C ALA A 89 -7.36 1.39 37.17
N PRO A 90 -6.66 1.71 38.24
CA PRO A 90 -6.71 0.87 39.43
C PRO A 90 -8.09 0.72 40.02
N GLY A 91 -8.46 -0.51 40.34
CA GLY A 91 -9.72 -0.74 41.04
C GLY A 91 -10.92 -0.81 40.10
N LYS A 92 -10.70 -0.81 38.79
CA LYS A 92 -11.77 -1.01 37.83
C LYS A 92 -11.73 -2.41 37.21
N SER A 93 -12.89 -2.98 36.88
CA SER A 93 -12.91 -4.26 36.14
C SER A 93 -12.54 -4.12 34.68
N ASP A 94 -12.20 -5.23 34.05
CA ASP A 94 -11.95 -5.24 32.61
C ASP A 94 -13.21 -4.85 31.84
N LYS A 95 -14.36 -5.37 32.24
CA LYS A 95 -15.59 -5.06 31.51
C LYS A 95 -15.90 -3.58 31.52
N GLU A 96 -15.54 -2.87 32.57
CA GLU A 96 -15.82 -1.44 32.60
C GLU A 96 -14.64 -0.60 32.16
N TRP A 97 -13.63 -1.19 31.53
CA TRP A 97 -12.48 -0.44 31.03
C TRP A 97 -12.95 0.76 30.23
N SER A 98 -12.32 1.88 30.52
CA SER A 98 -12.52 3.10 29.77
C SER A 98 -11.23 3.85 29.74
N ARG A 99 -10.86 4.35 28.56
CA ARG A 99 -9.65 5.18 28.44
C ARG A 99 -9.81 6.41 29.31
N ASP A 100 -11.04 6.89 29.55
CA ASP A 100 -11.24 8.15 30.29
C ASP A 100 -10.71 8.01 31.72
N ASP A 101 -10.80 6.81 32.27
CA ASP A 101 -10.42 6.59 33.65
C ASP A 101 -8.92 6.70 33.89
N LEU A 102 -8.14 6.69 32.83
CA LEU A 102 -6.67 6.85 32.90
C LEU A 102 -6.23 8.27 33.09
N LEU A 103 -7.12 9.19 32.82
CA LEU A 103 -6.80 10.61 32.76
C LEU A 103 -6.04 11.16 33.96
N PRO A 104 -6.51 10.93 35.19
CA PRO A 104 -5.81 11.59 36.31
C PRO A 104 -4.42 10.98 36.60
N PHE A 105 -4.16 9.79 36.15
CA PHE A 105 -2.87 9.15 36.35
C PHE A 105 -1.91 9.59 35.27
N ASN A 106 -2.40 9.68 34.04
CA ASN A 106 -1.51 9.91 32.93
C ASN A 106 -1.25 11.34 32.59
N ALA A 107 -2.17 12.23 32.97
CA ALA A 107 -1.96 13.64 32.66
C ALA A 107 -0.71 14.19 33.31
N LYS A 108 -0.47 13.87 34.57
CA LYS A 108 0.72 14.36 35.24
C LYS A 108 1.98 13.88 34.56
N ILE A 109 1.94 12.67 34.01
CA ILE A 109 3.10 12.13 33.31
C ILE A 109 3.38 12.93 32.05
N MET A 110 2.36 13.33 31.31
CA MET A 110 2.57 14.14 30.11
C MET A 110 3.21 15.46 30.46
N ARG A 111 2.82 16.07 31.57
CA ARG A 111 3.43 17.32 32.00
C ARG A 111 4.93 17.11 32.21
N GLU A 112 5.29 16.08 32.97
CA GLU A 112 6.69 15.80 33.22
C GLU A 112 7.47 15.52 31.96
N VAL A 113 6.92 14.69 31.09
CA VAL A 113 7.61 14.41 29.83
C VAL A 113 7.80 15.68 29.02
N GLY A 114 6.79 16.53 28.97
CA GLY A 114 6.88 17.77 28.22
C GLY A 114 7.99 18.66 28.69
N GLU A 115 8.12 18.82 29.99
N GLU A 115 8.14 18.80 30.00
CA GLU A 115 9.16 19.64 30.62
CA GLU A 115 9.16 19.64 30.59
C GLU A 115 10.54 19.13 30.21
C GLU A 115 10.54 19.15 30.18
N ASN A 116 10.71 17.85 30.13
CA ASN A 116 11.96 17.28 29.72
C ASN A 116 12.24 17.45 28.22
N ILE A 117 11.25 17.26 27.37
CA ILE A 117 11.41 17.51 25.94
C ILE A 117 11.80 18.98 25.69
N LYS A 118 11.20 19.90 26.45
CA LYS A 118 11.46 21.30 26.31
C LYS A 118 12.90 21.66 26.49
N LYS A 119 13.60 20.99 27.39
CA LYS A 119 15.02 21.28 27.58
C LYS A 119 15.93 20.39 26.77
N TYR A 120 15.58 19.13 26.54
CA TYR A 120 16.49 18.17 25.94
C TYR A 120 16.36 17.91 24.48
N CYS A 121 15.17 18.03 23.93
CA CYS A 121 14.98 17.77 22.52
C CYS A 121 13.81 18.57 21.93
N PRO A 122 13.86 19.88 22.00
CA PRO A 122 12.73 20.69 21.54
C PRO A 122 12.53 20.67 20.06
N ASN A 123 13.45 20.17 19.26
CA ASN A 123 13.23 20.08 17.84
C ASN A 123 12.73 18.74 17.38
N ALA A 124 12.43 17.84 18.30
CA ALA A 124 11.89 16.52 17.94
C ALA A 124 10.50 16.64 17.36
N PHE A 125 10.19 15.69 16.50
CA PHE A 125 8.77 15.36 16.20
C PHE A 125 8.29 14.41 17.26
N VAL A 126 7.18 14.74 17.89
CA VAL A 126 6.64 14.00 19.04
C VAL A 126 5.32 13.36 18.73
N ILE A 127 5.24 12.06 18.94
CA ILE A 127 4.07 11.26 18.77
C ILE A 127 3.66 10.73 20.12
N VAL A 128 2.48 11.14 20.58
CA VAL A 128 1.88 10.70 21.84
C VAL A 128 1.00 9.51 21.59
N ILE A 129 1.09 8.52 22.47
CA ILE A 129 0.23 7.33 22.45
C ILE A 129 -0.59 7.21 23.69
N THR A 130 -0.04 7.58 24.84
CA THR A 130 -0.70 7.49 26.14
C THR A 130 -2.14 7.91 26.13
N ASN A 131 -3.02 7.12 26.77
CA ASN A 131 -4.46 7.44 26.83
C ASN A 131 -4.82 8.26 28.07
N PRO A 132 -5.95 8.94 28.04
CA PRO A 132 -6.87 9.14 26.89
C PRO A 132 -6.29 10.10 25.87
N LEU A 133 -6.05 9.54 24.68
CA LEU A 133 -5.12 10.06 23.69
C LEU A 133 -5.30 11.55 23.39
N ASP A 134 -6.51 11.98 23.03
CA ASP A 134 -6.64 13.35 22.50
C ASP A 134 -6.29 14.43 23.53
N VAL A 135 -6.65 14.17 24.79
CA VAL A 135 -6.30 15.13 25.83
C VAL A 135 -4.87 14.95 26.29
N MET A 136 -4.33 13.73 26.28
CA MET A 136 -2.91 13.54 26.64
C MET A 136 -2.00 14.32 25.71
N VAL A 137 -2.27 14.26 24.43
N VAL A 137 -2.29 14.28 24.41
CA VAL A 137 -1.48 14.99 23.46
CA VAL A 137 -1.51 15.02 23.41
C VAL A 137 -1.53 16.47 23.74
C VAL A 137 -1.52 16.50 23.76
N LYS A 138 -2.69 17.01 24.14
CA LYS A 138 -2.80 18.45 24.40
C LYS A 138 -1.98 18.82 25.65
N VAL A 139 -1.98 17.99 26.68
CA VAL A 139 -1.18 18.27 27.87
C VAL A 139 0.29 18.29 27.46
N LEU A 140 0.71 17.28 26.71
CA LEU A 140 2.11 17.21 26.29
C LEU A 140 2.47 18.47 25.52
N HIS A 141 1.70 18.78 24.51
CA HIS A 141 1.96 19.96 23.70
C HIS A 141 2.09 21.18 24.56
N GLU A 142 1.15 21.40 25.44
CA GLU A 142 1.14 22.61 26.24
C GLU A 142 2.33 22.74 27.13
N HIS A 143 2.79 21.65 27.72
CA HIS A 143 3.91 21.71 28.65
C HIS A 143 5.25 21.53 28.02
N SER A 144 5.28 21.20 26.75
CA SER A 144 6.55 21.05 26.04
C SER A 144 7.00 22.30 25.32
N GLY A 145 6.10 23.19 24.98
CA GLY A 145 6.43 24.35 24.20
C GLY A 145 6.63 24.10 22.73
N LEU A 146 6.42 22.88 22.22
CA LEU A 146 6.67 22.58 20.83
C LEU A 146 5.69 23.28 19.92
N PRO A 147 6.10 23.50 18.66
CA PRO A 147 5.19 24.00 17.67
C PRO A 147 4.03 23.07 17.47
N LYS A 148 2.88 23.61 17.06
CA LYS A 148 1.70 22.83 16.87
C LYS A 148 1.87 21.72 15.82
N ASN A 149 2.73 21.94 14.82
CA ASN A 149 2.92 20.94 13.75
C ASN A 149 3.87 19.84 14.15
N LYS A 150 4.53 19.97 15.28
CA LYS A 150 5.56 19.03 15.70
C LYS A 150 5.12 18.05 16.77
N VAL A 151 3.84 18.07 17.12
CA VAL A 151 3.28 17.14 18.06
C VAL A 151 2.01 16.59 17.47
N CYS A 152 1.79 15.29 17.64
CA CYS A 152 0.50 14.71 17.30
C CYS A 152 0.27 13.44 18.09
N GLY A 153 -0.96 12.97 18.07
CA GLY A 153 -1.26 11.72 18.68
C GLY A 153 -1.56 10.63 17.70
N MET A 154 -1.07 9.44 18.06
CA MET A 154 -1.41 8.24 17.31
C MET A 154 -2.70 7.72 17.83
N ALA A 155 -3.68 7.67 16.92
CA ALA A 155 -4.95 6.99 17.18
C ALA A 155 -5.59 6.61 15.88
N GLY A 156 -5.79 7.58 15.02
CA GLY A 156 -6.52 7.27 13.80
C GLY A 156 -5.87 6.26 12.91
N VAL A 157 -4.56 6.06 12.92
CA VAL A 157 -4.01 5.02 12.08
C VAL A 157 -4.39 3.66 12.61
N LEU A 158 -4.45 3.54 13.94
CA LEU A 158 -4.87 2.31 14.60
C LEU A 158 -6.37 2.09 14.36
N ASP A 159 -7.20 3.07 14.65
CA ASP A 159 -8.62 2.89 14.45
C ASP A 159 -8.94 2.59 12.98
N SER A 160 -8.24 3.27 12.09
CA SER A 160 -8.44 3.01 10.68
C SER A 160 -7.94 1.62 10.28
N SER A 161 -6.87 1.14 10.89
CA SER A 161 -6.36 -0.21 10.57
C SER A 161 -7.40 -1.25 10.95
N ARG A 162 -8.14 -1.00 12.03
CA ARG A 162 -9.20 -1.93 12.50
C ARG A 162 -10.34 -1.91 11.54
N PHE A 163 -10.76 -0.70 11.16
CA PHE A 163 -11.88 -0.57 10.19
C PHE A 163 -11.47 -1.29 8.89
N ARG A 164 -10.28 -1.02 8.41
CA ARG A 164 -9.74 -1.65 7.20
C ARG A 164 -9.71 -3.14 7.34
N HIS A 165 -9.15 -3.64 8.46
CA HIS A 165 -9.04 -5.10 8.64
C HIS A 165 -10.43 -5.72 8.56
N PHE A 166 -11.38 -5.15 9.29
CA PHE A 166 -12.71 -5.81 9.37
C PHE A 166 -13.37 -5.78 8.00
N ILE A 167 -13.26 -4.68 7.26
CA ILE A 167 -13.87 -4.61 5.92
C ILE A 167 -13.14 -5.58 4.99
N ALA A 168 -11.82 -5.56 5.00
CA ALA A 168 -11.03 -6.42 4.10
C ALA A 168 -11.35 -7.88 4.35
N GLU A 169 -11.48 -8.27 5.62
CA GLU A 169 -11.78 -9.66 5.98
C GLU A 169 -13.14 -10.04 5.41
N LYS A 170 -14.12 -9.18 5.56
CA LYS A 170 -15.47 -9.51 5.09
C LYS A 170 -15.49 -9.63 3.57
N LEU A 171 -14.80 -8.74 2.86
CA LEU A 171 -14.74 -8.76 1.41
C LEU A 171 -13.77 -9.74 0.86
N ASN A 172 -12.93 -10.30 1.72
CA ASN A 172 -11.86 -11.20 1.32
C ASN A 172 -10.96 -10.58 0.27
N VAL A 173 -10.48 -9.37 0.58
CA VAL A 173 -9.45 -8.76 -0.24
C VAL A 173 -8.30 -8.31 0.63
N SER A 174 -7.17 -8.01 0.02
CA SER A 174 -6.02 -7.49 0.70
C SER A 174 -6.33 -6.19 1.42
N PRO A 175 -5.85 -6.05 2.67
CA PRO A 175 -6.06 -4.76 3.31
C PRO A 175 -5.27 -3.63 2.71
N ARG A 176 -4.22 -3.94 1.97
CA ARG A 176 -3.55 -2.89 1.19
C ARG A 176 -4.52 -2.14 0.33
N ASP A 177 -5.56 -2.83 -0.17
CA ASP A 177 -6.47 -2.25 -1.13
C ASP A 177 -7.75 -1.75 -0.51
N VAL A 178 -7.83 -1.73 0.81
CA VAL A 178 -8.95 -1.09 1.48
C VAL A 178 -8.50 0.20 2.09
N GLN A 179 -9.22 1.28 1.76
CA GLN A 179 -8.98 2.59 2.37
C GLN A 179 -10.16 2.81 3.28
N ALA A 180 -9.93 3.10 4.57
CA ALA A 180 -10.99 3.37 5.54
C ALA A 180 -10.37 4.28 6.57
N MET A 181 -11.08 5.27 6.91
CA MET A 181 -10.69 6.25 7.90
C MET A 181 -11.65 6.26 9.07
N VAL A 182 -11.10 6.50 10.23
CA VAL A 182 -11.87 6.75 11.46
C VAL A 182 -11.32 8.07 11.99
N ILE A 183 -12.22 9.04 12.17
CA ILE A 183 -11.82 10.37 12.62
C ILE A 183 -12.45 10.66 13.98
N GLY A 184 -12.12 11.79 14.58
CA GLY A 184 -12.66 12.16 15.87
C GLY A 184 -11.82 11.73 17.03
N ALA A 185 -12.47 11.68 18.18
CA ALA A 185 -11.86 11.23 19.39
C ALA A 185 -11.45 9.79 19.33
N HIS A 186 -10.38 9.43 20.00
CA HIS A 186 -9.98 8.03 20.17
C HIS A 186 -10.75 7.47 21.36
N GLY A 187 -12.00 7.11 21.13
CA GLY A 187 -12.87 6.63 22.19
C GLY A 187 -14.19 6.21 21.58
N ASP A 188 -15.17 6.01 22.45
CA ASP A 188 -16.41 5.44 22.00
C ASP A 188 -17.16 6.28 20.95
N LYS A 189 -16.86 7.57 20.88
CA LYS A 189 -17.50 8.42 19.90
C LYS A 189 -16.59 8.66 18.68
N MET A 190 -15.59 7.82 18.45
CA MET A 190 -14.83 7.84 17.21
C MET A 190 -15.85 7.68 16.05
N VAL A 191 -15.46 8.19 14.88
CA VAL A 191 -16.35 8.22 13.73
C VAL A 191 -15.71 7.44 12.55
N PRO A 192 -16.09 6.15 12.41
CA PRO A 192 -15.70 5.37 11.23
C PRO A 192 -16.45 5.92 10.02
N LEU A 193 -15.77 6.38 9.02
CA LEU A 193 -16.38 7.11 7.93
C LEU A 193 -16.75 6.15 6.81
N THR A 194 -17.90 5.57 6.97
N THR A 194 -17.88 5.52 6.98
CA THR A 194 -18.41 4.57 6.05
CA THR A 194 -18.39 4.51 6.04
C THR A 194 -18.49 5.04 4.61
C THR A 194 -18.50 5.02 4.60
N ARG A 195 -18.87 6.29 4.44
CA ARG A 195 -19.03 6.83 3.10
C ARG A 195 -17.74 6.97 2.34
N TYR A 196 -16.63 7.06 3.07
CA TYR A 196 -15.31 7.16 2.47
C TYR A 196 -14.56 5.84 2.31
N VAL A 197 -15.16 4.71 2.68
CA VAL A 197 -14.49 3.42 2.56
C VAL A 197 -14.44 3.09 1.09
N THR A 198 -13.25 2.71 0.63
CA THR A 198 -13.07 2.31 -0.75
C THR A 198 -12.21 1.07 -0.84
N VAL A 199 -12.38 0.37 -1.96
CA VAL A 199 -11.50 -0.75 -2.33
C VAL A 199 -10.81 -0.32 -3.62
N ASN A 200 -9.56 0.10 -3.49
CA ASN A 200 -8.82 0.69 -4.57
C ASN A 200 -9.60 1.84 -5.25
N GLY A 201 -10.23 2.67 -4.41
CA GLY A 201 -10.97 3.80 -4.87
C GLY A 201 -12.43 3.49 -5.24
N ILE A 202 -12.81 2.23 -5.34
CA ILE A 202 -14.16 1.84 -5.60
C ILE A 202 -14.99 2.01 -4.36
N PRO A 203 -16.09 2.77 -4.43
CA PRO A 203 -16.86 2.96 -3.20
C PRO A 203 -17.41 1.66 -2.64
N LEU A 204 -17.34 1.55 -1.30
CA LEU A 204 -17.92 0.40 -0.63
C LEU A 204 -19.38 0.20 -1.06
N GLN A 205 -20.12 1.26 -1.35
CA GLN A 205 -21.49 1.15 -1.80
C GLN A 205 -21.64 0.22 -2.98
N GLU A 206 -20.66 0.17 -3.88
CA GLU A 206 -20.79 -0.74 -5.01
C GLU A 206 -20.86 -2.19 -4.58
N PHE A 207 -20.08 -2.54 -3.54
CA PHE A 207 -20.09 -3.88 -3.03
C PHE A 207 -21.34 -4.20 -2.29
N ILE A 208 -21.97 -3.20 -1.67
CA ILE A 208 -23.31 -3.40 -1.04
C ILE A 208 -24.29 -3.71 -2.13
N LYS A 209 -24.28 -2.92 -3.19
CA LYS A 209 -25.28 -3.03 -4.21
C LYS A 209 -25.20 -4.43 -4.81
N LYS A 210 -24.01 -4.96 -4.96
CA LYS A 210 -23.81 -6.28 -5.54
C LYS A 210 -23.96 -7.40 -4.57
N GLY A 211 -24.25 -7.08 -3.32
CA GLY A 211 -24.57 -8.14 -2.38
C GLY A 211 -23.32 -8.81 -1.80
N ARG A 212 -22.16 -8.17 -1.94
N ARG A 212 -22.15 -8.19 -1.95
CA ARG A 212 -20.94 -8.77 -1.39
CA ARG A 212 -20.92 -8.77 -1.38
C ARG A 212 -20.85 -8.50 0.12
C ARG A 212 -20.80 -8.46 0.12
N ILE A 213 -21.55 -7.48 0.57
CA ILE A 213 -21.58 -7.10 1.98
C ILE A 213 -22.90 -6.44 2.17
N THR A 214 -23.52 -6.57 3.33
CA THR A 214 -24.78 -5.89 3.57
C THR A 214 -24.59 -4.67 4.44
N GLN A 215 -25.57 -3.78 4.45
CA GLN A 215 -25.56 -2.63 5.34
C GLN A 215 -25.51 -3.09 6.80
N GLU A 216 -26.18 -4.17 7.16
CA GLU A 216 -26.14 -4.66 8.52
C GLU A 216 -24.77 -5.11 8.90
N GLU A 217 -24.07 -5.76 8.00
CA GLU A 217 -22.70 -6.14 8.23
C GLU A 217 -21.78 -4.95 8.42
N ILE A 218 -21.96 -3.91 7.62
CA ILE A 218 -21.19 -2.69 7.77
C ILE A 218 -21.46 -2.05 9.09
N ASP A 219 -22.73 -1.97 9.46
CA ASP A 219 -23.07 -1.38 10.74
C ASP A 219 -22.41 -2.12 11.89
N GLU A 220 -22.40 -3.45 11.82
N GLU A 220 -22.38 -3.43 11.80
CA GLU A 220 -21.71 -4.28 12.82
CA GLU A 220 -21.71 -4.26 12.80
C GLU A 220 -20.21 -3.94 12.85
C GLU A 220 -20.20 -3.95 12.86
N ILE A 221 -19.58 -3.80 11.69
CA ILE A 221 -18.16 -3.50 11.58
C ILE A 221 -17.85 -2.13 12.16
N VAL A 222 -18.74 -1.18 11.95
CA VAL A 222 -18.58 0.17 12.51
C VAL A 222 -18.53 0.07 14.03
N GLU A 223 -19.48 -0.64 14.61
N GLU A 223 -19.47 -0.65 14.61
CA GLU A 223 -19.55 -0.84 16.06
CA GLU A 223 -19.49 -0.78 16.07
C GLU A 223 -18.33 -1.62 16.54
C GLU A 223 -18.32 -1.62 16.55
N ARG A 224 -17.94 -2.64 15.81
CA ARG A 224 -16.79 -3.44 16.19
C ARG A 224 -15.51 -2.60 16.22
N THR A 225 -15.39 -1.68 15.29
CA THR A 225 -14.24 -0.75 15.23
C THR A 225 -14.22 0.14 16.47
N LYS A 226 -15.37 0.70 16.84
CA LYS A 226 -15.44 1.53 18.01
C LYS A 226 -15.07 0.76 19.27
N ASN A 227 -15.50 -0.48 19.35
CA ASN A 227 -15.31 -1.29 20.53
C ASN A 227 -14.03 -2.11 20.57
N ALA A 228 -13.19 -1.96 19.54
CA ALA A 228 -12.03 -2.86 19.34
C ALA A 228 -11.06 -2.84 20.50
N GLY A 229 -10.80 -1.68 21.03
CA GLY A 229 -9.83 -1.58 22.12
C GLY A 229 -10.30 -2.31 23.33
N GLY A 230 -11.53 -2.12 23.67
CA GLY A 230 -12.03 -2.78 24.87
C GLY A 230 -12.26 -4.29 24.62
N GLU A 231 -12.51 -4.69 23.38
CA GLU A 231 -12.61 -6.09 23.04
C GLU A 231 -11.27 -6.77 23.34
N ILE A 232 -10.18 -6.14 22.90
CA ILE A 232 -8.84 -6.71 23.12
C ILE A 232 -8.49 -6.69 24.61
N VAL A 233 -8.82 -5.60 25.33
CA VAL A 233 -8.62 -5.59 26.78
C VAL A 233 -9.31 -6.77 27.44
N ASN A 234 -10.56 -7.02 27.06
CA ASN A 234 -11.29 -8.11 27.70
C ASN A 234 -10.71 -9.48 27.38
N LEU A 235 -10.23 -9.67 26.13
CA LEU A 235 -9.62 -10.93 25.74
C LEU A 235 -8.26 -11.17 26.36
N LEU A 236 -7.42 -10.15 26.35
CA LEU A 236 -6.05 -10.33 26.83
C LEU A 236 -6.01 -10.60 28.33
N GLY A 237 -6.86 -9.90 29.08
CA GLY A 237 -6.83 -10.00 30.55
C GLY A 237 -5.76 -9.15 31.24
N GLN A 238 -4.63 -8.91 30.57
CA GLN A 238 -3.60 -8.00 31.04
C GLN A 238 -3.35 -6.94 30.02
N GLY A 239 -3.28 -5.72 30.49
CA GLY A 239 -2.93 -4.64 29.60
C GLY A 239 -3.94 -4.43 28.46
N SER A 240 -3.43 -3.87 27.40
CA SER A 240 -4.23 -3.52 26.22
C SER A 240 -3.42 -3.81 24.96
N ALA A 241 -4.00 -3.48 23.81
CA ALA A 241 -3.35 -3.78 22.53
C ALA A 241 -1.99 -3.13 22.48
N TYR A 242 -1.08 -3.76 21.73
CA TYR A 242 0.24 -3.18 21.54
C TYR A 242 0.91 -3.41 20.20
N PHE A 243 0.60 -4.52 19.50
CA PHE A 243 1.23 -4.80 18.23
C PHE A 243 0.82 -3.78 17.17
N ALA A 244 -0.47 -3.51 17.07
CA ALA A 244 -0.98 -2.51 16.13
C ALA A 244 -0.74 -1.05 16.56
N PRO A 245 -0.87 -0.74 17.83
CA PRO A 245 -0.45 0.59 18.26
C PRO A 245 0.97 0.88 17.94
N ALA A 246 1.90 -0.06 18.18
CA ALA A 246 3.28 0.16 17.88
C ALA A 246 3.50 0.40 16.39
N ALA A 247 2.91 -0.48 15.56
CA ALA A 247 3.10 -0.33 14.14
C ALA A 247 2.55 0.97 13.63
N SER A 248 1.40 1.39 14.14
CA SER A 248 0.80 2.65 13.73
C SER A 248 1.72 3.85 14.03
N ALA A 249 2.29 3.87 15.24
CA ALA A 249 3.16 4.99 15.59
C ALA A 249 4.42 4.97 14.77
N ILE A 250 4.98 3.79 14.48
CA ILE A 250 6.17 3.69 13.67
C ILE A 250 5.87 4.11 12.22
N GLU A 251 4.68 3.82 11.71
CA GLU A 251 4.30 4.32 10.38
C GLU A 251 4.36 5.84 10.33
N MET A 252 3.84 6.44 11.40
CA MET A 252 3.88 7.90 11.52
C MET A 252 5.30 8.43 11.60
N ALA A 253 6.12 7.77 12.41
CA ALA A 253 7.49 8.19 12.56
C ALA A 253 8.27 8.09 11.24
N GLU A 254 8.03 7.03 10.47
CA GLU A 254 8.70 6.84 9.20
C GLU A 254 8.29 7.96 8.23
N ALA A 255 7.03 8.36 8.30
CA ALA A 255 6.56 9.42 7.41
C ALA A 255 7.31 10.72 7.66
N TYR A 256 7.60 10.99 8.94
CA TYR A 256 8.38 12.15 9.31
C TYR A 256 9.85 11.98 8.89
N LEU A 257 10.47 10.86 9.30
CA LEU A 257 11.91 10.67 9.11
C LEU A 257 12.35 10.69 7.66
N LYS A 258 11.47 10.18 6.79
CA LYS A 258 11.72 10.09 5.36
C LYS A 258 10.89 11.06 4.53
N ASP A 259 10.25 12.02 5.19
CA ASP A 259 9.46 13.07 4.50
C ASP A 259 8.57 12.44 3.45
N LYS A 260 7.74 11.49 3.88
CA LYS A 260 6.96 10.67 2.97
C LYS A 260 5.68 11.33 2.41
N LYS A 261 5.15 12.31 3.12
CA LYS A 261 3.88 12.95 2.74
C LYS A 261 2.75 11.90 2.69
N ARG A 262 2.70 11.11 3.76
CA ARG A 262 1.64 10.14 3.91
C ARG A 262 0.37 10.86 4.33
N VAL A 263 -0.76 10.33 3.93
CA VAL A 263 -2.07 10.80 4.33
C VAL A 263 -2.53 9.80 5.41
N LEU A 264 -2.48 10.26 6.65
CA LEU A 264 -2.73 9.42 7.82
C LEU A 264 -3.63 10.17 8.73
N VAL A 265 -4.56 9.48 9.37
CA VAL A 265 -5.44 10.15 10.37
C VAL A 265 -4.71 10.11 11.69
N CYS A 266 -4.50 11.30 12.27
N CYS A 266 -4.48 11.29 12.26
CA CYS A 266 -3.77 11.47 13.52
CA CYS A 266 -3.88 11.37 13.59
C CYS A 266 -4.50 12.51 14.37
C CYS A 266 -4.51 12.51 14.37
N SER A 267 -4.22 12.58 15.67
CA SER A 267 -4.81 13.60 16.50
C SER A 267 -3.94 14.83 16.39
N CYS A 268 -4.48 15.84 15.76
CA CYS A 268 -3.73 17.02 15.32
C CYS A 268 -4.34 18.25 15.96
N TYR A 269 -3.49 19.28 16.15
CA TYR A 269 -3.92 20.56 16.65
C TYR A 269 -4.71 21.32 15.61
N LEU A 270 -5.99 21.57 15.92
CA LEU A 270 -6.84 22.25 14.96
C LEU A 270 -6.77 23.77 15.13
N GLU A 271 -6.86 24.46 14.01
CA GLU A 271 -6.80 25.94 13.94
C GLU A 271 -7.93 26.45 13.06
N GLY A 272 -9.11 25.91 13.29
CA GLY A 272 -10.33 26.36 12.64
C GLY A 272 -10.93 25.33 11.69
N GLN A 273 -10.16 24.31 11.32
CA GLN A 273 -10.68 23.28 10.43
C GLN A 273 -11.87 22.63 11.10
N TYR A 274 -12.90 22.29 10.31
CA TYR A 274 -14.10 21.66 10.81
C TYR A 274 -14.90 22.58 11.77
N GLY A 275 -14.50 23.84 11.88
CA GLY A 275 -15.13 24.78 12.77
C GLY A 275 -14.63 24.74 14.21
N HIS A 276 -13.51 24.05 14.43
CA HIS A 276 -12.95 23.87 15.77
C HIS A 276 -11.52 24.36 15.86
N LYS A 277 -11.13 24.78 17.06
CA LYS A 277 -9.76 25.21 17.30
C LYS A 277 -9.25 24.91 18.68
N ASP A 278 -7.92 24.78 18.76
CA ASP A 278 -7.13 24.76 19.99
C ASP A 278 -7.23 23.48 20.78
N MET A 279 -7.76 22.45 20.19
N MET A 279 -7.70 22.45 20.14
CA MET A 279 -7.79 21.08 20.66
CA MET A 279 -7.64 21.12 20.68
C MET A 279 -7.06 20.21 19.66
C MET A 279 -7.05 20.19 19.65
N PHE A 280 -6.61 19.05 20.14
CA PHE A 280 -6.19 17.94 19.28
C PHE A 280 -7.36 16.98 19.13
N VAL A 281 -7.62 16.56 17.91
CA VAL A 281 -8.59 15.52 17.66
C VAL A 281 -8.22 14.82 16.34
N GLY A 282 -8.70 13.61 16.10
CA GLY A 282 -8.34 12.83 14.92
C GLY A 282 -8.90 13.42 13.66
N VAL A 283 -8.01 13.70 12.74
CA VAL A 283 -8.32 14.22 11.44
C VAL A 283 -7.32 13.64 10.40
N PRO A 284 -7.73 13.53 9.14
CA PRO A 284 -6.73 13.19 8.12
C PRO A 284 -5.72 14.33 8.00
N ALA A 285 -4.47 13.93 7.81
CA ALA A 285 -3.39 14.89 7.76
C ALA A 285 -2.32 14.38 6.81
N VAL A 286 -1.52 15.31 6.30
CA VAL A 286 -0.31 14.94 5.54
C VAL A 286 0.86 15.03 6.50
N ILE A 287 1.57 13.93 6.68
CA ILE A 287 2.72 13.83 7.55
C ILE A 287 3.99 13.73 6.71
N GLY A 288 4.94 14.63 6.99
CA GLY A 288 6.20 14.65 6.34
C GLY A 288 7.23 15.25 7.25
N GLY A 289 8.33 15.71 6.63
CA GLY A 289 9.46 16.24 7.38
C GLY A 289 9.24 17.48 8.19
N ASN A 290 8.14 18.16 7.94
CA ASN A 290 7.72 19.24 8.79
C ASN A 290 6.61 18.86 9.74
N GLY A 291 6.49 17.57 9.97
CA GLY A 291 5.53 17.06 10.93
C GLY A 291 4.13 16.98 10.37
N VAL A 292 3.15 17.59 11.03
CA VAL A 292 1.81 17.66 10.49
C VAL A 292 1.82 18.82 9.53
N GLU A 293 1.97 18.51 8.26
CA GLU A 293 2.13 19.51 7.25
C GLU A 293 0.84 20.14 6.85
N LYS A 294 -0.24 19.39 6.89
CA LYS A 294 -1.53 19.88 6.53
C LYS A 294 -2.57 19.05 7.18
N VAL A 295 -3.58 19.66 7.78
CA VAL A 295 -4.85 19.02 8.17
C VAL A 295 -5.76 19.07 6.95
N ILE A 296 -6.28 17.91 6.57
CA ILE A 296 -7.21 17.88 5.45
C ILE A 296 -8.61 18.02 6.03
N GLU A 297 -9.38 18.98 5.52
CA GLU A 297 -10.78 19.19 5.90
C GLU A 297 -11.68 18.49 4.92
N LEU A 298 -12.20 17.37 5.34
CA LEU A 298 -13.10 16.56 4.52
C LEU A 298 -14.41 17.34 4.27
N GLU A 299 -15.03 17.08 3.11
CA GLU A 299 -16.38 17.59 2.81
C GLU A 299 -17.43 16.72 3.46
N LEU A 300 -17.49 16.76 4.78
CA LEU A 300 -18.45 15.97 5.54
C LEU A 300 -19.87 16.36 5.23
N THR A 301 -20.74 15.36 5.20
CA THR A 301 -22.16 15.65 5.15
C THR A 301 -22.65 16.22 6.47
N PRO A 302 -23.85 16.79 6.51
CA PRO A 302 -24.34 17.31 7.78
C PRO A 302 -24.37 16.23 8.85
N GLU A 303 -24.75 15.02 8.50
CA GLU A 303 -24.81 13.93 9.48
C GLU A 303 -23.45 13.55 9.96
N GLU A 304 -22.47 13.49 9.06
CA GLU A 304 -21.08 13.18 9.45
C GLU A 304 -20.50 14.31 10.31
N LYS A 305 -20.84 15.54 9.95
CA LYS A 305 -20.37 16.70 10.71
C LYS A 305 -20.88 16.65 12.14
N GLU A 306 -22.14 16.25 12.27
CA GLU A 306 -22.71 16.10 13.62
C GLU A 306 -22.00 15.04 14.42
N LEU A 307 -21.75 13.90 13.79
CA LEU A 307 -21.01 12.86 14.49
C LEU A 307 -19.61 13.38 14.89
N PHE A 308 -18.95 14.10 14.01
CA PHE A 308 -17.62 14.67 14.34
C PHE A 308 -17.74 15.65 15.48
N ASP A 309 -18.73 16.52 15.47
CA ASP A 309 -18.88 17.50 16.52
C ASP A 309 -19.17 16.88 17.85
N LYS A 310 -19.92 15.78 17.85
CA LYS A 310 -20.24 15.11 19.10
C LYS A 310 -18.92 14.46 19.58
N SER A 311 -18.07 13.98 18.66
CA SER A 311 -16.76 13.42 19.02
C SER A 311 -15.86 14.46 19.66
N VAL A 312 -15.84 15.65 19.08
CA VAL A 312 -15.04 16.76 19.58
C VAL A 312 -15.56 17.13 20.98
N GLU A 313 -16.89 17.09 21.17
CA GLU A 313 -17.46 17.42 22.47
C GLU A 313 -16.99 16.45 23.55
N GLU A 314 -16.76 15.15 23.22
CA GLU A 314 -16.20 14.26 24.21
C GLU A 314 -14.81 14.69 24.63
N VAL A 315 -14.03 15.19 23.69
CA VAL A 315 -12.69 15.71 24.03
C VAL A 315 -12.82 16.94 24.93
N ARG A 316 -13.78 17.81 24.64
CA ARG A 316 -13.95 19.01 25.41
C ARG A 316 -14.35 18.65 26.87
N LYS A 317 -15.17 17.63 27.05
CA LYS A 317 -15.52 17.20 28.39
C LYS A 317 -14.34 16.68 29.19
N LEU A 318 -13.53 15.85 28.51
CA LEU A 318 -12.33 15.36 29.17
C LEU A 318 -11.40 16.54 29.52
N GLN A 319 -11.33 17.53 28.63
CA GLN A 319 -10.47 18.66 28.90
C GLN A 319 -10.90 19.40 30.18
N LYS A 320 -12.20 19.40 30.48
CA LYS A 320 -12.61 20.00 31.75
C LYS A 320 -11.95 19.33 32.94
N ALA A 321 -11.77 18.02 32.87
CA ALA A 321 -11.07 17.31 33.95
C ALA A 321 -9.64 17.70 34.03
N ILE A 322 -8.99 17.82 32.88
CA ILE A 322 -7.61 18.30 32.83
C ILE A 322 -7.48 19.66 33.52
N LYS A 323 -8.40 20.59 33.23
CA LYS A 323 -8.35 21.89 33.85
C LYS A 323 -8.54 21.79 35.34
N ALA A 324 -9.43 20.92 35.77
CA ALA A 324 -9.73 20.77 37.16
C ALA A 324 -8.61 20.11 37.95
N LEU A 325 -7.74 19.38 37.29
CA LEU A 325 -6.56 18.83 37.95
C LEU A 325 -5.40 19.79 38.10
N GLY A 326 -5.54 20.96 37.53
CA GLY A 326 -4.51 21.97 37.63
C GLY A 326 -3.53 21.73 36.49
N LEU A 327 -3.89 21.03 35.40
CA LEU A 327 -2.83 20.71 34.38
C LEU A 327 -2.87 21.53 33.11
N GLU A 328 -3.66 22.59 33.12
CA GLU A 328 -3.70 23.51 31.97
C GLU A 328 -5.03 24.14 31.87
N HIS A 329 -5.89 23.59 31.00
CA HIS A 329 -7.26 24.10 30.90
C HIS A 329 -8.11 23.46 29.84
N MET B 5 10.60 -32.64 -0.02
CA MET B 5 10.47 -31.34 0.60
C MET B 5 9.45 -30.50 -0.21
N THR B 6 9.07 -29.34 0.32
CA THR B 6 8.34 -28.33 -0.47
C THR B 6 9.42 -27.43 -1.13
N LYS B 7 9.43 -27.38 -2.45
CA LYS B 7 10.48 -26.68 -3.13
C LYS B 7 10.23 -25.17 -3.11
N ARG B 8 11.27 -24.39 -3.35
CA ARG B 8 11.09 -22.98 -3.61
C ARG B 8 10.14 -22.82 -4.75
N LYS B 9 9.47 -21.71 -4.79
CA LYS B 9 8.70 -21.36 -5.96
C LYS B 9 9.64 -21.25 -7.16
N LYS B 10 9.08 -21.43 -8.34
CA LYS B 10 9.82 -21.42 -9.59
C LYS B 10 9.13 -20.47 -10.55
N ILE B 11 9.85 -19.48 -11.02
CA ILE B 11 9.31 -18.46 -11.90
C ILE B 11 10.11 -18.46 -13.20
N SER B 12 9.43 -18.75 -14.31
CA SER B 12 10.09 -18.72 -15.62
C SER B 12 9.73 -17.47 -16.38
N LEU B 13 10.75 -16.82 -16.89
CA LEU B 13 10.64 -15.58 -17.63
C LEU B 13 10.96 -15.91 -19.08
N ILE B 14 9.92 -15.94 -19.90
CA ILE B 14 10.02 -16.31 -21.30
C ILE B 14 10.29 -15.00 -22.05
N GLY B 15 11.55 -14.78 -22.38
CA GLY B 15 12.05 -13.48 -22.81
C GLY B 15 12.97 -12.93 -21.76
N SER B 16 14.22 -12.69 -22.15
CA SER B 16 15.29 -12.32 -21.26
C SER B 16 15.93 -11.00 -21.67
N GLY B 17 15.11 -10.12 -22.27
CA GLY B 17 15.53 -8.78 -22.66
C GLY B 17 15.37 -7.83 -21.51
N MET B 18 15.07 -6.57 -21.80
CA MET B 18 15.09 -5.57 -20.75
C MET B 18 14.08 -5.84 -19.64
N ILE B 19 12.83 -6.13 -20.00
CA ILE B 19 11.87 -6.40 -18.94
C ILE B 19 12.17 -7.74 -18.24
N GLY B 20 12.52 -8.77 -19.01
CA GLY B 20 12.79 -10.06 -18.41
C GLY B 20 13.91 -10.00 -17.39
N GLY B 21 15.05 -9.41 -17.76
CA GLY B 21 16.14 -9.33 -16.82
C GLY B 21 15.78 -8.52 -15.58
N THR B 22 15.09 -7.40 -15.80
CA THR B 22 14.67 -6.57 -14.68
C THR B 22 13.72 -7.30 -13.73
N MET B 23 12.81 -8.09 -14.26
CA MET B 23 11.96 -8.91 -13.40
C MET B 23 12.77 -9.94 -12.64
N ALA B 24 13.75 -10.55 -13.30
CA ALA B 24 14.64 -11.51 -12.60
C ALA B 24 15.34 -10.80 -11.44
N TYR B 25 15.75 -9.56 -11.64
CA TYR B 25 16.44 -8.83 -10.56
C TYR B 25 15.52 -8.56 -9.40
N LEU B 26 14.25 -8.24 -9.66
CA LEU B 26 13.31 -8.11 -8.58
C LEU B 26 13.12 -9.43 -7.86
N CYS B 27 13.05 -10.52 -8.60
CA CYS B 27 12.89 -11.84 -7.96
C CYS B 27 14.07 -12.14 -7.06
N ALA B 28 15.27 -11.76 -7.46
CA ALA B 28 16.48 -11.99 -6.66
C ALA B 28 16.48 -11.08 -5.42
N GLN B 29 16.08 -9.84 -5.57
CA GLN B 29 16.05 -8.90 -4.47
C GLN B 29 15.05 -9.29 -3.46
N LYS B 30 13.90 -9.78 -3.93
CA LYS B 30 12.77 -10.09 -3.08
C LYS B 30 12.75 -11.55 -2.61
N GLU B 31 13.69 -12.34 -3.11
CA GLU B 31 13.78 -13.76 -2.78
C GLU B 31 12.44 -14.46 -3.09
N LEU B 32 11.87 -14.16 -4.27
CA LEU B 32 10.51 -14.69 -4.58
C LEU B 32 10.53 -16.15 -4.90
N GLY B 33 11.58 -16.64 -5.50
CA GLY B 33 11.68 -18.01 -5.94
C GLY B 33 12.88 -18.10 -6.85
N ASP B 34 13.17 -19.31 -7.27
CA ASP B 34 14.19 -19.55 -8.30
C ASP B 34 13.65 -19.04 -9.64
N VAL B 35 14.57 -18.60 -10.46
CA VAL B 35 14.24 -17.96 -11.71
C VAL B 35 14.89 -18.67 -12.88
N VAL B 36 14.10 -18.89 -13.96
CA VAL B 36 14.62 -19.35 -15.22
C VAL B 36 14.41 -18.21 -16.21
N LEU B 37 15.52 -17.78 -16.80
CA LEU B 37 15.54 -16.78 -17.85
C LEU B 37 15.70 -17.50 -19.17
N PHE B 38 14.64 -17.56 -19.97
CA PHE B 38 14.62 -18.24 -21.26
C PHE B 38 14.66 -17.17 -22.36
N ASP B 39 15.42 -17.45 -23.41
CA ASP B 39 15.37 -16.59 -24.57
C ASP B 39 15.80 -17.45 -25.75
N VAL B 40 15.43 -16.98 -26.92
CA VAL B 40 15.90 -17.63 -28.17
C VAL B 40 17.35 -17.25 -28.47
N VAL B 41 17.78 -16.10 -27.96
CA VAL B 41 19.15 -15.65 -28.21
C VAL B 41 20.14 -16.46 -27.41
N LYS B 42 21.13 -17.07 -28.05
CA LYS B 42 22.12 -17.87 -27.32
C LYS B 42 23.02 -17.03 -26.44
N ASN B 43 23.40 -17.59 -25.28
CA ASN B 43 24.40 -17.02 -24.35
C ASN B 43 23.97 -15.84 -23.49
N MET B 44 23.17 -14.95 -24.07
CA MET B 44 22.76 -13.75 -23.35
C MET B 44 22.00 -14.10 -22.06
N PRO B 45 21.02 -15.01 -22.06
CA PRO B 45 20.37 -15.22 -20.74
C PRO B 45 21.26 -15.86 -19.74
N GLN B 46 22.19 -16.68 -20.20
CA GLN B 46 23.16 -17.26 -19.30
C GLN B 46 24.06 -16.19 -18.71
N GLY B 47 24.45 -15.20 -19.52
CA GLY B 47 25.23 -14.10 -18.98
C GLY B 47 24.49 -13.26 -17.94
N LYS B 48 23.25 -12.90 -18.23
CA LYS B 48 22.46 -12.15 -17.28
C LYS B 48 22.25 -12.98 -16.03
N ALA B 49 22.04 -14.28 -16.18
CA ALA B 49 21.79 -15.13 -15.03
C ALA B 49 23.02 -15.16 -14.11
N LEU B 50 24.22 -15.19 -14.68
CA LEU B 50 25.43 -15.09 -13.83
C LEU B 50 25.49 -13.80 -13.06
N ASP B 51 25.25 -12.70 -13.75
CA ASP B 51 25.27 -11.37 -13.10
C ASP B 51 24.23 -11.33 -12.00
N LEU B 52 23.05 -11.83 -12.26
CA LEU B 52 21.97 -11.84 -11.28
C LEU B 52 22.28 -12.73 -10.10
N SER B 53 22.96 -13.84 -10.35
CA SER B 53 23.41 -14.75 -9.28
C SER B 53 24.37 -14.01 -8.35
N HIS B 54 25.32 -13.31 -8.94
CA HIS B 54 26.22 -12.52 -8.14
C HIS B 54 25.44 -11.50 -7.30
N SER B 55 24.44 -10.86 -7.91
CA SER B 55 23.68 -9.85 -7.20
C SER B 55 22.90 -10.44 -6.02
N SER B 56 22.45 -11.70 -6.16
N SER B 56 22.47 -11.69 -6.13
CA SER B 56 21.76 -12.39 -5.09
CA SER B 56 21.78 -12.31 -5.02
C SER B 56 22.70 -12.56 -3.89
C SER B 56 22.71 -12.57 -3.84
N SER B 57 23.97 -12.87 -4.13
CA SER B 57 24.94 -12.98 -3.06
C SER B 57 25.07 -11.63 -2.37
N ILE B 58 25.13 -10.55 -3.11
CA ILE B 58 25.19 -9.24 -2.47
C ILE B 58 23.97 -8.95 -1.62
N ALA B 59 22.80 -9.32 -2.13
CA ALA B 59 21.54 -9.13 -1.43
C ALA B 59 21.30 -10.06 -0.24
N ASP B 60 22.19 -11.02 -0.03
CA ASP B 60 22.00 -12.03 1.01
C ASP B 60 20.68 -12.80 0.78
N THR B 61 20.31 -13.04 -0.47
CA THR B 61 19.16 -13.84 -0.79
C THR B 61 19.58 -15.19 -1.29
N ASN B 62 18.59 -16.07 -1.40
CA ASN B 62 18.82 -17.49 -1.70
C ASN B 62 17.94 -17.86 -2.86
N VAL B 63 18.48 -17.64 -4.04
N VAL B 63 18.49 -17.66 -4.04
CA VAL B 63 17.78 -17.64 -5.32
CA VAL B 63 17.79 -17.92 -5.27
C VAL B 63 18.70 -18.25 -6.36
C VAL B 63 18.76 -18.54 -6.25
N LYS B 64 18.25 -19.31 -7.02
N LYS B 64 18.25 -19.43 -7.07
CA LYS B 64 18.94 -19.83 -8.18
CA LYS B 64 18.95 -19.90 -8.25
C LYS B 64 18.43 -19.15 -9.43
C LYS B 64 18.43 -19.07 -9.40
N VAL B 65 19.33 -18.65 -10.25
CA VAL B 65 18.94 -17.94 -11.48
C VAL B 65 19.67 -18.71 -12.59
N THR B 66 18.88 -19.25 -13.52
CA THR B 66 19.38 -20.14 -14.60
C THR B 66 19.03 -19.46 -15.90
N GLY B 67 19.99 -19.32 -16.82
CA GLY B 67 19.66 -18.88 -18.15
C GLY B 67 19.58 -20.09 -19.07
N THR B 68 18.71 -20.02 -20.07
CA THR B 68 18.45 -21.19 -20.93
C THR B 68 17.97 -20.76 -22.28
N ASN B 69 18.23 -21.63 -23.24
CA ASN B 69 17.58 -21.55 -24.52
C ASN B 69 16.65 -22.75 -24.78
N SER B 70 16.35 -23.49 -23.74
N SER B 70 16.36 -23.50 -23.73
CA SER B 70 15.52 -24.67 -23.86
CA SER B 70 15.55 -24.68 -23.82
C SER B 70 14.22 -24.58 -23.08
C SER B 70 14.21 -24.50 -23.10
N TYR B 71 13.11 -24.78 -23.78
CA TYR B 71 11.81 -24.67 -23.16
C TYR B 71 11.64 -25.72 -22.08
N GLU B 72 12.26 -26.88 -22.19
CA GLU B 72 12.02 -27.86 -21.15
C GLU B 72 12.44 -27.36 -19.76
N ASP B 73 13.30 -26.34 -19.70
CA ASP B 73 13.69 -25.84 -18.40
C ASP B 73 12.59 -25.08 -17.67
N ILE B 74 11.44 -24.88 -18.32
CA ILE B 74 10.30 -24.24 -17.61
C ILE B 74 9.40 -25.21 -16.91
N LYS B 75 9.72 -26.48 -17.00
CA LYS B 75 8.92 -27.52 -16.34
C LYS B 75 8.69 -27.19 -14.86
N GLY B 76 7.44 -27.32 -14.46
CA GLY B 76 7.09 -27.14 -13.08
C GLY B 76 7.09 -25.73 -12.56
N SER B 77 7.09 -24.77 -13.45
CA SER B 77 7.01 -23.36 -13.04
C SER B 77 5.70 -23.05 -12.36
N ASP B 78 5.76 -22.33 -11.25
CA ASP B 78 4.57 -21.80 -10.59
C ASP B 78 3.96 -20.64 -11.35
N VAL B 79 4.86 -19.78 -11.82
CA VAL B 79 4.51 -18.56 -12.59
C VAL B 79 5.36 -18.52 -13.84
N VAL B 80 4.76 -18.10 -14.94
CA VAL B 80 5.47 -17.82 -16.18
C VAL B 80 5.15 -16.40 -16.60
N ILE B 81 6.16 -15.60 -16.90
CA ILE B 81 5.94 -14.20 -17.32
C ILE B 81 6.56 -14.05 -18.71
N ILE B 82 5.75 -13.62 -19.70
CA ILE B 82 6.17 -13.65 -21.08
C ILE B 82 6.38 -12.25 -21.60
N THR B 83 7.62 -12.02 -22.03
CA THR B 83 7.99 -10.78 -22.71
C THR B 83 8.56 -11.03 -24.11
N ALA B 84 8.60 -12.29 -24.52
CA ALA B 84 9.14 -12.64 -25.81
C ALA B 84 8.44 -11.88 -26.92
N GLY B 85 9.21 -11.20 -27.74
CA GLY B 85 8.61 -10.37 -28.79
C GLY B 85 9.45 -9.13 -29.12
N LEU B 86 9.03 -8.42 -30.15
CA LEU B 86 9.64 -7.14 -30.57
C LEU B 86 9.08 -5.94 -29.80
N THR B 87 9.92 -4.90 -29.55
CA THR B 87 9.47 -3.64 -28.91
C THR B 87 9.08 -2.49 -29.88
N LYS B 88 9.71 -2.43 -31.07
CA LYS B 88 9.46 -1.33 -31.99
C LYS B 88 9.49 -1.95 -33.35
N ALA B 89 8.45 -1.65 -34.15
CA ALA B 89 8.39 -2.16 -35.52
C ALA B 89 9.41 -1.42 -36.39
N PRO B 90 10.05 -2.17 -37.31
CA PRO B 90 11.10 -1.59 -38.17
C PRO B 90 10.56 -0.53 -39.12
N GLY B 91 11.44 0.40 -39.50
CA GLY B 91 11.08 1.39 -40.49
C GLY B 91 10.10 2.42 -39.96
N LYS B 92 9.86 2.41 -38.64
CA LYS B 92 9.01 3.44 -38.02
C LYS B 92 9.83 4.41 -37.12
N SER B 93 9.46 5.69 -37.16
CA SER B 93 10.12 6.68 -36.32
C SER B 93 9.66 6.49 -34.89
N ASP B 94 10.42 7.05 -33.95
CA ASP B 94 10.03 6.94 -32.52
C ASP B 94 8.68 7.62 -32.30
N LYS B 95 8.48 8.77 -32.95
CA LYS B 95 7.31 9.59 -32.69
C LYS B 95 6.01 8.89 -33.16
N GLU B 96 6.13 8.06 -34.21
CA GLU B 96 5.00 7.28 -34.71
C GLU B 96 4.97 5.84 -34.14
N TRP B 97 5.67 5.63 -33.03
CA TRP B 97 5.63 4.32 -32.40
C TRP B 97 4.16 3.95 -32.03
N SER B 98 3.79 2.71 -32.37
CA SER B 98 2.47 2.17 -32.04
C SER B 98 2.62 0.72 -31.61
N ARG B 99 2.01 0.36 -30.49
CA ARG B 99 1.98 -1.04 -30.11
C ARG B 99 1.30 -1.93 -31.19
N ASP B 100 0.36 -1.34 -31.96
CA ASP B 100 -0.43 -2.10 -32.93
C ASP B 100 0.49 -2.65 -34.03
N ASP B 101 1.57 -1.92 -34.34
CA ASP B 101 2.45 -2.38 -35.45
C ASP B 101 3.19 -3.68 -35.08
N LEU B 102 3.27 -4.00 -33.79
CA LEU B 102 3.99 -5.22 -33.34
C LEU B 102 3.21 -6.52 -33.56
N LEU B 103 1.90 -6.37 -33.85
CA LEU B 103 1.00 -7.56 -33.98
C LEU B 103 1.51 -8.69 -34.89
N PRO B 104 1.97 -8.35 -36.08
CA PRO B 104 2.25 -9.54 -36.92
C PRO B 104 3.60 -10.20 -36.55
N PHE B 105 4.41 -9.39 -35.85
CA PHE B 105 5.70 -9.95 -35.40
C PHE B 105 5.52 -10.93 -34.19
N ASN B 106 4.60 -10.59 -33.34
CA ASN B 106 4.56 -11.15 -32.00
C ASN B 106 3.48 -12.29 -31.87
N ALA B 107 2.41 -12.29 -32.69
CA ALA B 107 1.37 -13.33 -32.59
C ALA B 107 1.93 -14.79 -32.71
N LYS B 108 2.79 -15.00 -33.69
CA LYS B 108 3.36 -16.34 -33.85
C LYS B 108 4.26 -16.74 -32.70
N ILE B 109 4.85 -15.75 -32.02
CA ILE B 109 5.68 -16.05 -30.86
C ILE B 109 4.80 -16.55 -29.76
N MET B 110 3.67 -15.88 -29.55
CA MET B 110 2.69 -16.30 -28.54
C MET B 110 2.21 -17.75 -28.79
N ARG B 111 1.96 -18.13 -30.04
CA ARG B 111 1.57 -19.50 -30.26
C ARG B 111 2.67 -20.50 -29.82
N GLU B 112 3.91 -20.20 -30.18
CA GLU B 112 5.00 -21.07 -29.80
C GLU B 112 5.15 -21.17 -28.28
N VAL B 113 5.09 -20.03 -27.62
CA VAL B 113 5.24 -20.04 -26.17
C VAL B 113 4.09 -20.83 -25.53
N GLY B 114 2.89 -20.58 -26.04
CA GLY B 114 1.71 -21.27 -25.53
C GLY B 114 1.83 -22.80 -25.63
N GLU B 115 2.29 -23.28 -26.76
N GLU B 115 2.29 -23.27 -26.76
CA GLU B 115 2.43 -24.72 -26.97
CA GLU B 115 2.44 -24.70 -26.99
C GLU B 115 3.41 -25.31 -25.96
C GLU B 115 3.44 -25.33 -26.03
N ASN B 116 4.46 -24.55 -25.69
CA ASN B 116 5.47 -25.05 -24.78
C ASN B 116 4.97 -24.97 -23.32
N ILE B 117 4.19 -23.97 -22.95
CA ILE B 117 3.60 -23.96 -21.63
C ILE B 117 2.66 -25.15 -21.49
N LYS B 118 1.89 -25.43 -22.55
CA LYS B 118 0.97 -26.57 -22.53
C LYS B 118 1.74 -27.86 -22.25
N LYS B 119 2.89 -28.01 -22.88
CA LYS B 119 3.64 -29.22 -22.74
C LYS B 119 4.37 -29.30 -21.42
N TYR B 120 4.98 -28.19 -20.95
CA TYR B 120 5.92 -28.28 -19.81
C TYR B 120 5.44 -27.75 -18.45
N CYS B 121 4.49 -26.82 -18.46
CA CYS B 121 3.99 -26.27 -17.18
C CYS B 121 2.55 -25.81 -17.32
N PRO B 122 1.66 -26.77 -17.62
CA PRO B 122 0.25 -26.40 -17.78
C PRO B 122 -0.45 -25.92 -16.53
N ASN B 123 0.16 -26.10 -15.37
CA ASN B 123 -0.43 -25.59 -14.11
C ASN B 123 0.08 -24.23 -13.67
N ALA B 124 0.89 -23.61 -14.50
CA ALA B 124 1.44 -22.31 -14.15
C ALA B 124 0.36 -21.23 -14.21
N PHE B 125 0.55 -20.17 -13.44
CA PHE B 125 -0.10 -18.88 -13.67
C PHE B 125 0.74 -18.14 -14.65
N VAL B 126 0.12 -17.61 -15.68
CA VAL B 126 0.83 -17.01 -16.81
C VAL B 126 0.44 -15.55 -16.96
N ILE B 127 1.43 -14.66 -16.97
CA ILE B 127 1.28 -13.23 -17.10
C ILE B 127 1.93 -12.86 -18.43
N VAL B 128 1.16 -12.33 -19.35
CA VAL B 128 1.67 -11.90 -20.63
C VAL B 128 1.94 -10.41 -20.59
N ILE B 129 3.10 -10.03 -21.12
CA ILE B 129 3.49 -8.64 -21.27
C ILE B 129 3.62 -8.20 -22.73
N THR B 130 4.06 -9.08 -23.62
CA THR B 130 4.21 -8.82 -25.04
C THR B 130 3.06 -8.06 -25.69
N ASN B 131 3.42 -7.01 -26.44
CA ASN B 131 2.42 -6.20 -27.11
C ASN B 131 2.13 -6.72 -28.51
N PRO B 132 0.96 -6.35 -29.07
CA PRO B 132 -0.13 -5.57 -28.44
C PRO B 132 -0.90 -6.42 -27.42
N LEU B 133 -0.86 -5.95 -26.20
CA LEU B 133 -1.08 -6.78 -25.02
C LEU B 133 -2.39 -7.56 -25.06
N ASP B 134 -3.53 -6.90 -25.27
CA ASP B 134 -4.80 -7.59 -25.05
C ASP B 134 -5.03 -8.71 -26.02
N VAL B 135 -4.57 -8.55 -27.23
CA VAL B 135 -4.71 -9.68 -28.19
C VAL B 135 -3.58 -10.69 -28.07
N MET B 136 -2.38 -10.29 -27.61
CA MET B 136 -1.32 -11.28 -27.39
C MET B 136 -1.72 -12.26 -26.28
N VAL B 137 -2.40 -11.79 -25.26
N VAL B 137 -2.36 -11.77 -25.22
CA VAL B 137 -2.82 -12.66 -24.18
CA VAL B 137 -2.90 -12.64 -24.15
C VAL B 137 -3.90 -13.64 -24.64
C VAL B 137 -3.84 -13.67 -24.71
N LYS B 138 -4.74 -13.23 -25.58
CA LYS B 138 -5.72 -14.11 -26.15
C LYS B 138 -5.08 -15.21 -26.98
N VAL B 139 -4.06 -14.87 -27.77
CA VAL B 139 -3.37 -15.88 -28.58
C VAL B 139 -2.72 -16.87 -27.65
N LEU B 140 -2.05 -16.37 -26.63
CA LEU B 140 -1.41 -17.26 -25.72
C LEU B 140 -2.40 -18.19 -25.04
N HIS B 141 -3.52 -17.65 -24.57
CA HIS B 141 -4.53 -18.48 -23.91
C HIS B 141 -5.03 -19.58 -24.87
N GLU B 142 -5.32 -19.20 -26.10
CA GLU B 142 -5.87 -20.12 -27.07
C GLU B 142 -4.91 -21.27 -27.31
N HIS B 143 -3.63 -21.00 -27.52
CA HIS B 143 -2.69 -22.03 -27.90
C HIS B 143 -2.10 -22.79 -26.71
N SER B 144 -2.26 -22.29 -25.52
CA SER B 144 -1.74 -22.98 -24.35
C SER B 144 -2.72 -23.97 -23.70
N GLY B 145 -4.02 -23.76 -23.94
CA GLY B 145 -5.06 -24.56 -23.33
C GLY B 145 -5.28 -24.36 -21.84
N LEU B 146 -4.66 -23.31 -21.30
CA LEU B 146 -4.81 -23.04 -19.89
C LEU B 146 -6.19 -22.61 -19.50
N PRO B 147 -6.55 -22.75 -18.24
CA PRO B 147 -7.82 -22.26 -17.73
C PRO B 147 -7.88 -20.75 -17.85
N LYS B 148 -9.06 -20.23 -18.11
CA LYS B 148 -9.29 -18.80 -18.27
C LYS B 148 -8.75 -17.98 -17.12
N ASN B 149 -8.83 -18.50 -15.91
CA ASN B 149 -8.42 -17.77 -14.69
C ASN B 149 -6.92 -17.84 -14.49
N LYS B 150 -6.18 -18.63 -15.25
CA LYS B 150 -4.76 -18.83 -15.03
C LYS B 150 -3.89 -18.09 -16.03
N VAL B 151 -4.49 -17.26 -16.87
CA VAL B 151 -3.75 -16.43 -17.78
C VAL B 151 -4.29 -15.03 -17.72
N CYS B 152 -3.43 -14.05 -17.71
CA CYS B 152 -3.82 -12.66 -17.79
C CYS B 152 -2.72 -11.84 -18.40
N GLY B 153 -3.05 -10.61 -18.72
CA GLY B 153 -2.05 -9.68 -19.26
C GLY B 153 -1.74 -8.58 -18.27
N MET B 154 -0.47 -8.19 -18.23
CA MET B 154 -0.03 -7.02 -17.49
C MET B 154 -0.23 -5.82 -18.38
N ALA B 155 -1.02 -4.91 -17.91
CA ALA B 155 -1.13 -3.55 -18.50
C ALA B 155 -1.70 -2.59 -17.51
N GLY B 156 -2.84 -2.90 -16.92
CA GLY B 156 -3.49 -1.98 -16.01
C GLY B 156 -2.68 -1.59 -14.82
N VAL B 157 -1.87 -2.48 -14.29
CA VAL B 157 -1.08 -2.11 -13.12
C VAL B 157 -0.07 -1.01 -13.51
N LEU B 158 0.51 -1.13 -14.71
CA LEU B 158 1.40 -0.12 -15.24
C LEU B 158 0.68 1.17 -15.55
N ASP B 159 -0.41 1.10 -16.28
CA ASP B 159 -1.13 2.32 -16.64
C ASP B 159 -1.67 3.00 -15.39
N SER B 160 -2.16 2.21 -14.44
CA SER B 160 -2.64 2.77 -13.20
C SER B 160 -1.54 3.37 -12.37
N SER B 161 -0.35 2.77 -12.38
CA SER B 161 0.78 3.33 -11.63
C SER B 161 1.18 4.68 -12.12
N ARG B 162 1.04 4.86 -13.44
CA ARG B 162 1.33 6.12 -14.11
C ARG B 162 0.32 7.14 -13.70
N PHE B 163 -0.93 6.78 -13.76
CA PHE B 163 -2.01 7.72 -13.38
C PHE B 163 -1.77 8.13 -11.89
N ARG B 164 -1.52 7.14 -11.02
CA ARG B 164 -1.27 7.40 -9.63
C ARG B 164 -0.08 8.31 -9.45
N HIS B 165 1.01 7.99 -10.13
CA HIS B 165 2.24 8.83 -9.97
C HIS B 165 1.96 10.26 -10.33
N PHE B 166 1.30 10.47 -11.45
CA PHE B 166 1.09 11.86 -11.89
C PHE B 166 0.16 12.62 -10.96
N ILE B 167 -0.86 11.95 -10.45
CA ILE B 167 -1.78 12.58 -9.53
C ILE B 167 -1.06 12.86 -8.21
N ALA B 168 -0.36 11.87 -7.68
CA ALA B 168 0.38 12.01 -6.42
C ALA B 168 1.41 13.13 -6.50
N GLU B 169 2.11 13.19 -7.63
CA GLU B 169 3.08 14.30 -7.81
C GLU B 169 2.41 15.66 -7.73
N LYS B 170 1.28 15.81 -8.41
CA LYS B 170 0.59 17.08 -8.45
C LYS B 170 0.09 17.50 -7.06
N LEU B 171 -0.45 16.53 -6.32
CA LEU B 171 -0.99 16.78 -4.99
C LEU B 171 0.09 16.81 -3.94
N ASN B 172 1.29 16.36 -4.29
CA ASN B 172 2.41 16.27 -3.32
C ASN B 172 2.10 15.38 -2.16
N VAL B 173 1.59 14.21 -2.46
CA VAL B 173 1.36 13.17 -1.44
C VAL B 173 2.00 11.89 -1.86
N SER B 174 2.12 10.98 -0.92
CA SER B 174 2.68 9.65 -1.20
C SER B 174 1.82 8.89 -2.23
N PRO B 175 2.47 8.23 -3.19
CA PRO B 175 1.67 7.47 -4.11
C PRO B 175 1.02 6.26 -3.46
N ARG B 176 1.50 5.76 -2.33
CA ARG B 176 0.77 4.78 -1.59
C ARG B 176 -0.66 5.18 -1.34
N ASP B 177 -0.87 6.48 -1.11
CA ASP B 177 -2.17 7.01 -0.70
C ASP B 177 -3.03 7.48 -1.82
N VAL B 178 -2.58 7.30 -3.07
CA VAL B 178 -3.44 7.60 -4.21
C VAL B 178 -3.89 6.27 -4.79
N GLN B 179 -5.18 6.14 -5.00
CA GLN B 179 -5.80 4.99 -5.69
C GLN B 179 -6.26 5.53 -7.05
N ALA B 180 -5.82 4.90 -8.13
CA ALA B 180 -6.26 5.31 -9.45
C ALA B 180 -6.21 4.06 -10.30
N MET B 181 -7.15 3.95 -11.17
CA MET B 181 -7.31 2.83 -12.08
C MET B 181 -7.41 3.30 -13.52
N VAL B 182 -6.79 2.57 -14.43
CA VAL B 182 -6.97 2.72 -15.87
C VAL B 182 -7.40 1.38 -16.40
N ILE B 183 -8.56 1.35 -17.05
CA ILE B 183 -9.21 0.15 -17.53
C ILE B 183 -9.29 0.16 -19.06
N GLY B 184 -9.72 -0.94 -19.64
CA GLY B 184 -9.87 -1.05 -21.08
C GLY B 184 -8.62 -1.63 -21.73
N ALA B 185 -8.47 -1.34 -23.02
CA ALA B 185 -7.33 -1.74 -23.82
C ALA B 185 -6.04 -1.06 -23.36
N HIS B 186 -4.94 -1.78 -23.50
CA HIS B 186 -3.67 -1.16 -23.29
C HIS B 186 -3.19 -0.42 -24.57
N GLY B 187 -3.65 0.77 -24.72
CA GLY B 187 -3.29 1.59 -25.83
C GLY B 187 -3.96 2.93 -25.74
N ASP B 188 -4.05 3.64 -26.85
CA ASP B 188 -4.50 5.01 -26.86
C ASP B 188 -5.90 5.16 -26.38
N LYS B 189 -6.71 4.08 -26.41
CA LYS B 189 -8.08 4.14 -25.94
C LYS B 189 -8.22 3.56 -24.54
N MET B 190 -7.14 3.39 -23.78
CA MET B 190 -7.25 3.12 -22.35
C MET B 190 -8.10 4.17 -21.72
N VAL B 191 -8.68 3.82 -20.58
CA VAL B 191 -9.65 4.67 -19.92
C VAL B 191 -9.21 4.94 -18.47
N PRO B 192 -8.53 6.05 -18.23
CA PRO B 192 -8.19 6.44 -16.85
C PRO B 192 -9.47 6.87 -16.18
N LEU B 193 -9.80 6.27 -15.03
CA LEU B 193 -11.08 6.49 -14.38
C LEU B 193 -10.97 7.62 -13.35
N THR B 194 -11.09 8.82 -13.85
N THR B 194 -11.09 8.84 -13.84
CA THR B 194 -10.98 10.00 -13.04
CA THR B 194 -10.99 10.01 -12.99
C THR B 194 -11.94 10.03 -11.88
C THR B 194 -11.95 9.99 -11.84
N ARG B 195 -13.17 9.53 -12.08
CA ARG B 195 -14.16 9.61 -11.05
C ARG B 195 -13.85 8.71 -9.87
N TYR B 196 -13.01 7.69 -10.10
CA TYR B 196 -12.61 6.71 -9.08
C TYR B 196 -11.28 7.04 -8.41
N VAL B 197 -10.64 8.12 -8.79
CA VAL B 197 -9.36 8.48 -8.16
C VAL B 197 -9.65 8.94 -6.76
N THR B 198 -8.89 8.42 -5.81
CA THR B 198 -9.04 8.78 -4.41
C THR B 198 -7.72 8.96 -3.73
N VAL B 199 -7.72 9.71 -2.66
CA VAL B 199 -6.59 9.91 -1.78
C VAL B 199 -7.00 9.34 -0.43
N ASN B 200 -6.55 8.14 -0.16
CA ASN B 200 -7.01 7.43 0.98
C ASN B 200 -8.52 7.36 1.08
N GLY B 201 -9.17 7.13 -0.06
CA GLY B 201 -10.62 7.07 -0.13
C GLY B 201 -11.34 8.41 -0.31
N ILE B 202 -10.62 9.51 -0.15
CA ILE B 202 -11.19 10.83 -0.34
C ILE B 202 -11.29 11.10 -1.83
N PRO B 203 -12.47 11.37 -2.35
CA PRO B 203 -12.56 11.65 -3.77
C PRO B 203 -11.66 12.74 -4.24
N LEU B 204 -11.03 12.54 -5.40
CA LEU B 204 -10.26 13.60 -6.02
C LEU B 204 -11.05 14.89 -6.14
N GLN B 205 -12.35 14.80 -6.38
CA GLN B 205 -13.18 15.98 -6.51
C GLN B 205 -13.04 16.90 -5.32
N GLU B 206 -12.82 16.37 -4.12
CA GLU B 206 -12.69 17.27 -2.95
C GLU B 206 -11.53 18.19 -3.13
N PHE B 207 -10.44 17.65 -3.68
CA PHE B 207 -9.22 18.40 -3.88
C PHE B 207 -9.43 19.47 -4.96
N ILE B 208 -10.26 19.17 -5.96
CA ILE B 208 -10.58 20.14 -6.99
C ILE B 208 -11.36 21.23 -6.34
N LYS B 209 -12.34 20.88 -5.51
CA LYS B 209 -13.18 21.89 -4.95
C LYS B 209 -12.36 22.79 -4.01
N LYS B 210 -11.32 22.24 -3.38
CA LYS B 210 -10.44 23.02 -2.49
C LYS B 210 -9.38 23.72 -3.28
N GLY B 211 -9.34 23.55 -4.61
CA GLY B 211 -8.31 24.26 -5.40
C GLY B 211 -6.89 23.71 -5.29
N ARG B 212 -6.75 22.48 -4.82
N ARG B 212 -6.74 22.47 -4.83
CA ARG B 212 -5.44 21.82 -4.74
CA ARG B 212 -5.41 21.84 -4.77
C ARG B 212 -5.03 21.23 -6.10
C ARG B 212 -5.03 21.26 -6.13
N ILE B 213 -6.02 21.06 -6.98
CA ILE B 213 -5.74 20.60 -8.36
C ILE B 213 -6.91 21.11 -9.20
N THR B 214 -6.68 21.44 -10.49
CA THR B 214 -7.79 21.90 -11.32
C THR B 214 -8.25 20.82 -12.28
N GLN B 215 -9.47 20.97 -12.82
CA GLN B 215 -9.95 20.00 -13.78
C GLN B 215 -9.01 19.98 -14.98
N GLU B 216 -8.56 21.17 -15.37
N GLU B 216 -8.55 21.17 -15.41
CA GLU B 216 -7.64 21.27 -16.47
CA GLU B 216 -7.61 21.19 -16.56
C GLU B 216 -6.37 20.44 -16.23
C GLU B 216 -6.33 20.40 -16.25
N GLU B 217 -5.84 20.52 -15.03
CA GLU B 217 -4.67 19.72 -14.67
C GLU B 217 -4.95 18.22 -14.67
N ILE B 218 -6.13 17.83 -14.20
CA ILE B 218 -6.54 16.42 -14.27
C ILE B 218 -6.66 15.96 -15.69
N ASP B 219 -7.29 16.76 -16.52
CA ASP B 219 -7.44 16.37 -17.94
C ASP B 219 -6.08 16.18 -18.60
N GLU B 220 -5.14 17.07 -18.30
CA GLU B 220 -3.75 16.92 -18.76
C GLU B 220 -3.14 15.63 -18.27
N ILE B 221 -3.35 15.30 -17.01
CA ILE B 221 -2.82 14.03 -16.46
C ILE B 221 -3.44 12.80 -17.11
N VAL B 222 -4.73 12.85 -17.42
CA VAL B 222 -5.36 11.73 -18.10
C VAL B 222 -4.69 11.49 -19.45
N GLU B 223 -4.49 12.54 -20.23
N GLU B 223 -4.50 12.57 -20.21
CA GLU B 223 -3.81 12.39 -21.50
CA GLU B 223 -3.80 12.49 -21.50
C GLU B 223 -2.36 11.98 -21.34
C GLU B 223 -2.39 11.99 -21.33
N ARG B 224 -1.69 12.48 -20.31
CA ARG B 224 -0.29 12.11 -20.10
C ARG B 224 -0.19 10.62 -19.79
N THR B 225 -1.19 10.13 -19.03
CA THR B 225 -1.27 8.69 -18.74
C THR B 225 -1.44 7.89 -20.01
N LYS B 226 -2.35 8.30 -20.89
CA LYS B 226 -2.55 7.61 -22.15
C LYS B 226 -1.25 7.56 -23.00
N ASN B 227 -0.51 8.65 -22.98
CA ASN B 227 0.64 8.81 -23.81
C ASN B 227 1.95 8.43 -23.19
N ALA B 228 1.91 7.95 -21.97
CA ALA B 228 3.13 7.75 -21.15
C ALA B 228 4.13 6.80 -21.78
N GLY B 229 3.66 5.70 -22.36
CA GLY B 229 4.54 4.73 -22.98
C GLY B 229 5.36 5.37 -24.10
N GLY B 230 4.64 6.13 -24.94
CA GLY B 230 5.27 6.78 -26.08
C GLY B 230 6.18 7.91 -25.66
N GLU B 231 5.83 8.54 -24.54
CA GLU B 231 6.67 9.60 -23.98
C GLU B 231 8.02 9.04 -23.60
N ILE B 232 8.02 7.90 -22.94
CA ILE B 232 9.26 7.27 -22.54
C ILE B 232 10.00 6.74 -23.76
N VAL B 233 9.31 6.15 -24.73
CA VAL B 233 9.97 5.70 -26.00
C VAL B 233 10.70 6.90 -26.65
N ASN B 234 10.03 8.03 -26.73
CA ASN B 234 10.64 9.20 -27.35
C ASN B 234 11.89 9.64 -26.58
N LEU B 235 11.83 9.63 -25.26
CA LEU B 235 12.97 10.11 -24.46
C LEU B 235 14.14 9.12 -24.47
N LEU B 236 13.84 7.83 -24.41
CA LEU B 236 14.91 6.81 -24.34
C LEU B 236 15.68 6.67 -25.63
N GLY B 237 14.96 6.75 -26.76
CA GLY B 237 15.65 6.59 -28.04
C GLY B 237 15.79 5.15 -28.51
N GLN B 238 16.05 4.22 -27.59
CA GLN B 238 16.00 2.79 -27.88
C GLN B 238 15.00 2.05 -26.97
N GLY B 239 14.26 1.11 -27.55
CA GLY B 239 13.33 0.29 -26.78
C GLY B 239 12.27 1.12 -26.13
N SER B 240 11.74 0.54 -25.09
CA SER B 240 10.58 1.08 -24.37
C SER B 240 10.82 1.00 -22.84
N ALA B 241 9.81 1.41 -22.11
CA ALA B 241 9.92 1.35 -20.63
C ALA B 241 10.16 -0.08 -20.17
N TYR B 242 10.84 -0.22 -19.05
CA TYR B 242 11.09 -1.55 -18.45
C TYR B 242 11.05 -1.61 -16.96
N PHE B 243 11.46 -0.56 -16.26
CA PHE B 243 11.49 -0.65 -14.81
C PHE B 243 10.08 -0.81 -14.22
N ALA B 244 9.13 0.02 -14.68
CA ALA B 244 7.76 -0.07 -14.19
C ALA B 244 7.04 -1.27 -14.77
N PRO B 245 7.15 -1.57 -16.05
CA PRO B 245 6.56 -2.82 -16.55
C PRO B 245 6.97 -4.05 -15.76
N ALA B 246 8.29 -4.14 -15.46
CA ALA B 246 8.77 -5.29 -14.69
C ALA B 246 8.14 -5.33 -13.32
N ALA B 247 8.12 -4.21 -12.62
CA ALA B 247 7.59 -4.12 -11.29
C ALA B 247 6.13 -4.46 -11.26
N SER B 248 5.40 -4.01 -12.27
CA SER B 248 3.96 -4.30 -12.38
C SER B 248 3.71 -5.80 -12.49
N ALA B 249 4.43 -6.50 -13.37
CA ALA B 249 4.22 -7.91 -13.49
C ALA B 249 4.64 -8.67 -12.26
N ILE B 250 5.69 -8.23 -11.59
CA ILE B 250 6.05 -8.90 -10.35
C ILE B 250 5.02 -8.67 -9.27
N GLU B 251 4.39 -7.48 -9.19
CA GLU B 251 3.34 -7.28 -8.22
C GLU B 251 2.22 -8.33 -8.46
N MET B 252 1.84 -8.55 -9.73
CA MET B 252 0.84 -9.57 -10.07
C MET B 252 1.34 -10.94 -9.66
N ALA B 253 2.60 -11.29 -9.96
CA ALA B 253 3.13 -12.59 -9.60
C ALA B 253 3.08 -12.85 -8.10
N GLU B 254 3.49 -11.85 -7.33
N GLU B 254 3.47 -11.84 -7.33
CA GLU B 254 3.46 -11.89 -5.88
CA GLU B 254 3.46 -11.96 -5.87
C GLU B 254 2.06 -12.20 -5.40
C GLU B 254 2.05 -12.17 -5.35
N ALA B 255 1.05 -11.54 -5.99
CA ALA B 255 -0.32 -11.73 -5.56
C ALA B 255 -0.73 -13.17 -5.71
N TYR B 256 -0.29 -13.79 -6.81
CA TYR B 256 -0.55 -15.19 -6.99
C TYR B 256 0.19 -16.09 -6.02
N LEU B 257 1.52 -15.89 -5.95
CA LEU B 257 2.37 -16.78 -5.18
C LEU B 257 2.03 -16.84 -3.76
N LYS B 258 1.56 -15.74 -3.19
CA LYS B 258 1.22 -15.68 -1.78
C LYS B 258 -0.25 -15.47 -1.52
N ASP B 259 -1.05 -15.75 -2.55
CA ASP B 259 -2.50 -15.76 -2.43
C ASP B 259 -3.00 -14.47 -1.73
N LYS B 260 -2.61 -13.31 -2.23
CA LYS B 260 -2.77 -12.05 -1.50
C LYS B 260 -4.14 -11.47 -1.66
N LYS B 261 -4.92 -11.83 -2.70
CA LYS B 261 -6.25 -11.24 -2.96
C LYS B 261 -6.10 -9.72 -3.20
N ARG B 262 -5.07 -9.35 -3.97
CA ARG B 262 -4.92 -7.95 -4.37
C ARG B 262 -5.97 -7.60 -5.38
N VAL B 263 -6.38 -6.32 -5.33
CA VAL B 263 -7.27 -5.75 -6.35
C VAL B 263 -6.40 -4.98 -7.35
N LEU B 264 -6.21 -5.57 -8.53
CA LEU B 264 -5.26 -5.07 -9.52
C LEU B 264 -5.98 -5.04 -10.85
N VAL B 265 -5.73 -4.03 -11.63
CA VAL B 265 -6.31 -3.99 -13.00
C VAL B 265 -5.39 -4.80 -13.93
N CYS B 266 -5.96 -5.83 -14.53
N CYS B 266 -5.93 -5.82 -14.55
CA CYS B 266 -5.23 -6.71 -15.42
CA CYS B 266 -5.15 -6.53 -15.54
C CYS B 266 -6.05 -6.97 -16.64
C CYS B 266 -6.05 -6.96 -16.65
N SER B 267 -5.44 -7.50 -17.71
CA SER B 267 -6.22 -7.90 -18.88
C SER B 267 -6.70 -9.31 -18.64
N CYS B 268 -7.98 -9.42 -18.39
CA CYS B 268 -8.58 -10.68 -17.97
C CYS B 268 -9.60 -11.18 -18.95
N TYR B 269 -9.80 -12.48 -18.97
CA TYR B 269 -10.83 -13.11 -19.81
C TYR B 269 -12.21 -12.77 -19.29
N LEU B 270 -13.00 -12.13 -20.12
CA LEU B 270 -14.36 -11.80 -19.77
C LEU B 270 -15.34 -12.87 -20.20
N GLU B 271 -16.32 -13.09 -19.33
CA GLU B 271 -17.37 -14.07 -19.54
C GLU B 271 -18.72 -13.41 -19.32
N GLY B 272 -18.87 -12.22 -19.85
CA GLY B 272 -20.11 -11.48 -19.82
C GLY B 272 -20.07 -10.17 -19.06
N GLN B 273 -19.07 -10.02 -18.24
CA GLN B 273 -18.93 -8.79 -17.48
C GLN B 273 -18.78 -7.61 -18.41
N TYR B 274 -19.38 -6.47 -18.03
CA TYR B 274 -19.34 -5.24 -18.85
C TYR B 274 -20.02 -5.42 -20.22
N GLY B 275 -20.76 -6.49 -20.39
CA GLY B 275 -21.45 -6.75 -21.63
C GLY B 275 -20.62 -7.44 -22.68
N HIS B 276 -19.47 -8.01 -22.32
CA HIS B 276 -18.57 -8.58 -23.28
C HIS B 276 -18.10 -9.97 -22.88
N LYS B 277 -17.77 -10.78 -23.84
CA LYS B 277 -17.23 -12.10 -23.54
C LYS B 277 -16.23 -12.56 -24.57
N ASP B 278 -15.39 -13.49 -24.12
CA ASP B 278 -14.44 -14.22 -24.94
C ASP B 278 -13.34 -13.38 -25.53
N MET B 279 -12.99 -12.35 -24.80
N MET B 279 -12.91 -12.46 -24.72
CA MET B 279 -11.81 -11.54 -25.05
CA MET B 279 -11.78 -11.64 -25.01
C MET B 279 -11.16 -11.23 -23.69
C MET B 279 -11.16 -11.25 -23.68
N PHE B 280 -9.92 -10.81 -23.75
CA PHE B 280 -9.22 -10.28 -22.64
C PHE B 280 -9.22 -8.76 -22.78
N VAL B 281 -9.47 -8.06 -21.69
CA VAL B 281 -9.34 -6.60 -21.68
C VAL B 281 -9.11 -6.17 -20.22
N GLY B 282 -8.57 -4.98 -20.03
CA GLY B 282 -8.24 -4.47 -18.72
C GLY B 282 -9.44 -4.15 -17.86
N VAL B 283 -9.48 -4.83 -16.71
CA VAL B 283 -10.55 -4.67 -15.75
C VAL B 283 -9.95 -4.89 -14.36
N PRO B 284 -10.56 -4.28 -13.34
CA PRO B 284 -10.13 -4.60 -11.97
C PRO B 284 -10.47 -6.03 -11.64
N ALA B 285 -9.56 -6.69 -10.95
CA ALA B 285 -9.73 -8.10 -10.61
C ALA B 285 -9.10 -8.40 -9.25
N VAL B 286 -9.56 -9.45 -8.62
CA VAL B 286 -8.90 -9.98 -7.43
C VAL B 286 -7.98 -11.06 -7.87
N ILE B 287 -6.69 -10.93 -7.49
CA ILE B 287 -5.63 -11.85 -7.90
C ILE B 287 -5.17 -12.58 -6.64
N GLY B 288 -5.23 -13.90 -6.72
CA GLY B 288 -4.78 -14.70 -5.59
C GLY B 288 -4.30 -16.04 -6.10
N GLY B 289 -4.26 -17.06 -5.24
CA GLY B 289 -3.74 -18.36 -5.56
C GLY B 289 -4.51 -19.12 -6.60
N ASN B 290 -5.73 -18.72 -6.91
N ASN B 290 -5.75 -18.71 -6.91
CA ASN B 290 -6.43 -19.31 -8.01
CA ASN B 290 -6.49 -19.30 -8.02
C ASN B 290 -6.42 -18.41 -9.24
C ASN B 290 -6.34 -18.49 -9.31
N GLY B 291 -5.42 -17.52 -9.31
CA GLY B 291 -5.21 -16.69 -10.47
C GLY B 291 -6.14 -15.47 -10.44
N VAL B 292 -6.83 -15.24 -11.52
CA VAL B 292 -7.87 -14.24 -11.60
C VAL B 292 -9.10 -14.78 -10.95
N GLU B 293 -9.26 -14.46 -9.69
CA GLU B 293 -10.31 -15.05 -8.86
C GLU B 293 -11.63 -14.41 -9.05
N LYS B 294 -11.64 -13.14 -9.40
CA LYS B 294 -12.88 -12.41 -9.63
C LYS B 294 -12.58 -11.25 -10.51
N VAL B 295 -13.40 -11.02 -11.51
CA VAL B 295 -13.43 -9.76 -12.25
C VAL B 295 -14.42 -8.89 -11.54
N ILE B 296 -14.00 -7.69 -11.15
CA ILE B 296 -14.92 -6.75 -10.52
C ILE B 296 -15.59 -5.90 -11.57
N GLU B 297 -16.90 -5.83 -11.43
N GLU B 297 -16.92 -5.87 -11.54
CA GLU B 297 -17.73 -5.09 -12.31
CA GLU B 297 -17.70 -5.08 -12.49
C GLU B 297 -18.05 -3.72 -11.75
C GLU B 297 -18.06 -3.75 -11.85
N LEU B 298 -17.36 -2.70 -12.25
CA LEU B 298 -17.56 -1.37 -11.74
C LEU B 298 -18.92 -0.85 -12.21
N GLU B 299 -19.52 -0.03 -11.37
CA GLU B 299 -20.74 0.66 -11.71
C GLU B 299 -20.41 1.89 -12.57
N LEU B 300 -19.92 1.68 -13.76
CA LEU B 300 -19.54 2.73 -14.66
C LEU B 300 -20.76 3.57 -15.03
N THR B 301 -20.57 4.87 -15.15
CA THR B 301 -21.60 5.72 -15.69
C THR B 301 -21.73 5.40 -17.19
N PRO B 302 -22.82 5.83 -17.85
CA PRO B 302 -22.94 5.59 -19.28
C PRO B 302 -21.76 6.20 -20.05
N GLU B 303 -21.25 7.35 -19.63
CA GLU B 303 -20.11 7.96 -20.31
C GLU B 303 -18.84 7.14 -20.16
N GLU B 304 -18.58 6.65 -18.98
CA GLU B 304 -17.41 5.79 -18.76
C GLU B 304 -17.59 4.49 -19.52
N LYS B 305 -18.81 3.97 -19.51
CA LYS B 305 -19.07 2.71 -20.18
C LYS B 305 -18.90 2.82 -21.70
N GLU B 306 -19.31 3.94 -22.27
CA GLU B 306 -19.06 4.21 -23.67
C GLU B 306 -17.57 4.24 -23.96
N LEU B 307 -16.78 4.87 -23.12
CA LEU B 307 -15.32 4.86 -23.30
C LEU B 307 -14.76 3.45 -23.21
N PHE B 308 -15.23 2.68 -22.27
CA PHE B 308 -14.79 1.30 -22.12
C PHE B 308 -15.16 0.48 -23.33
N ASP B 309 -16.40 0.60 -23.81
CA ASP B 309 -16.83 -0.17 -24.96
C ASP B 309 -16.06 0.21 -26.18
N LYS B 310 -15.73 1.49 -26.34
CA LYS B 310 -14.91 1.91 -27.49
C LYS B 310 -13.51 1.30 -27.38
N SER B 311 -12.99 1.17 -26.16
CA SER B 311 -11.71 0.54 -25.89
C SER B 311 -11.76 -0.91 -26.35
N VAL B 312 -12.83 -1.61 -25.96
CA VAL B 312 -13.01 -2.98 -26.33
C VAL B 312 -13.11 -3.15 -27.83
N GLU B 313 -13.76 -2.19 -28.50
CA GLU B 313 -13.82 -2.25 -29.93
C GLU B 313 -12.44 -2.16 -30.53
N GLU B 314 -11.48 -1.46 -29.90
CA GLU B 314 -10.11 -1.50 -30.45
C GLU B 314 -9.50 -2.89 -30.33
N VAL B 315 -9.83 -3.60 -29.28
CA VAL B 315 -9.33 -4.98 -29.12
C VAL B 315 -9.97 -5.88 -30.16
N ARG B 316 -11.27 -5.70 -30.41
CA ARG B 316 -11.93 -6.50 -31.41
C ARG B 316 -11.32 -6.25 -32.80
N LYS B 317 -10.95 -5.00 -33.09
CA LYS B 317 -10.30 -4.71 -34.40
C LYS B 317 -8.94 -5.42 -34.51
N LEU B 318 -8.16 -5.37 -33.43
CA LEU B 318 -6.88 -6.12 -33.46
C LEU B 318 -7.17 -7.65 -33.60
N GLN B 319 -8.18 -8.15 -32.90
CA GLN B 319 -8.49 -9.57 -32.96
C GLN B 319 -8.80 -10.00 -34.41
N LYS B 320 -9.44 -9.14 -35.22
CA LYS B 320 -9.71 -9.48 -36.59
C LYS B 320 -8.39 -9.66 -37.34
N ALA B 321 -7.41 -8.81 -37.08
CA ALA B 321 -6.09 -8.96 -37.66
C ALA B 321 -5.42 -10.26 -37.21
N ILE B 322 -5.63 -10.66 -35.96
CA ILE B 322 -5.08 -11.95 -35.51
C ILE B 322 -5.73 -13.06 -36.30
N LYS B 323 -7.05 -12.98 -36.44
CA LYS B 323 -7.74 -14.02 -37.25
C LYS B 323 -7.21 -14.08 -38.71
N ALA B 324 -6.91 -12.91 -39.27
CA ALA B 324 -6.37 -12.86 -40.65
C ALA B 324 -4.94 -13.42 -40.80
N LEU B 325 -4.25 -13.60 -39.69
CA LEU B 325 -3.00 -14.38 -39.65
C LEU B 325 -3.26 -15.89 -39.84
N GLY B 326 -4.42 -16.45 -39.45
CA GLY B 326 -4.73 -17.88 -39.63
C GLY B 326 -4.11 -19.03 -38.79
N LEU B 327 -3.61 -18.78 -37.59
CA LEU B 327 -2.69 -19.78 -36.94
C LEU B 327 -3.28 -21.17 -36.54
N GLU B 328 -2.74 -22.23 -37.18
CA GLU B 328 -3.06 -23.62 -36.82
C GLU B 328 -2.53 -23.98 -35.44
N HIS B 329 -3.26 -24.87 -34.76
CA HIS B 329 -2.82 -25.49 -33.50
C HIS B 329 -1.89 -26.68 -33.71
N HIS B 330 -1.21 -27.10 -32.63
CA HIS B 330 -0.29 -28.26 -32.64
C HIS B 330 0.85 -28.10 -33.69
N HIS B 331 1.28 -26.84 -33.87
CA HIS B 331 2.37 -26.42 -34.80
C HIS B 331 3.77 -26.92 -34.33
N HIS B 332 4.04 -26.82 -33.03
CA HIS B 332 5.38 -27.13 -32.44
C HIS B 332 5.40 -28.52 -31.75
N HIS B 333 4.28 -28.85 -31.07
CA HIS B 333 4.16 -30.10 -30.34
C HIS B 333 2.83 -30.79 -30.67
N HIS B 334 1.80 -29.96 -30.47
CA HIS B 334 0.51 -30.29 -29.81
C HIS B 334 0.28 -29.21 -28.68
PA NAI C . 2.66 -0.69 29.58
O1A NAI C . 2.03 -0.74 30.94
O2A NAI C . 3.17 -2.00 29.03
O5B NAI C . 3.87 0.33 29.52
C5B NAI C . 3.73 1.67 30.04
C4B NAI C . 5.16 1.98 30.59
O4B NAI C . 5.09 3.36 31.03
C3B NAI C . 5.56 1.12 31.80
O3B NAI C . 6.73 0.38 31.49
C2B NAI C . 5.75 2.13 32.90
O2B NAI C . 6.71 1.79 33.87
C1B NAI C . 6.04 3.39 32.12
N9A NAI C . 5.82 4.59 32.86
C8A NAI C . 4.80 4.82 33.78
N7A NAI C . 5.06 6.04 34.29
C5A NAI C . 6.13 6.61 33.70
C6A NAI C . 7.06 7.78 33.67
N6A NAI C . 6.89 8.93 34.35
N1A NAI C . 8.00 7.86 32.75
C2A NAI C . 8.44 6.86 31.96
N3A NAI C . 7.71 5.77 31.95
C4A NAI C . 6.66 5.60 32.79
O3 NAI C . 1.59 -0.06 28.61
PN NAI C . 1.47 -0.06 27.00
O1N NAI C . 0.70 -1.25 26.55
O2N NAI C . 2.79 0.20 26.42
O5D NAI C . 0.48 1.20 26.81
C5D NAI C . 1.04 2.50 27.08
C4D NAI C . -0.05 3.60 26.97
O4D NAI C . -0.51 3.59 25.61
C3D NAI C . -1.23 3.40 27.87
O3D NAI C . -1.59 4.68 28.39
C2D NAI C . -2.28 2.89 26.94
O2D NAI C . -3.61 3.23 27.28
C1D NAI C . -1.94 3.58 25.67
N1N NAI C . -2.49 3.08 24.44
C2N NAI C . -2.90 3.95 23.47
C3N NAI C . -3.33 3.50 22.21
C7N NAI C . -3.72 4.58 21.24
O7N NAI C . -3.45 5.84 21.36
N7N NAI C . -4.24 4.07 20.15
C4N NAI C . -3.42 2.04 22.03
C5N NAI C . -2.94 1.27 23.10
C6N NAI C . -2.43 1.81 24.25
H51A NAI C . 2.99 1.70 30.84
H52A NAI C . 3.46 2.37 29.25
H4B NAI C . 5.90 1.87 29.79
H3B NAI C . 4.73 0.44 32.05
HO3A NAI C . 7.02 -0.13 32.27
H2B NAI C . 4.78 2.26 33.40
HO2A NAI C . 6.39 1.02 34.37
H1B NAI C . 7.07 3.36 31.74
H8A NAI C . 4.04 4.12 34.10
H61A NAI C . 6.12 9.02 35.01
H62A NAI C . 7.53 9.69 34.21
H2A NAI C . 9.31 6.98 31.32
H51N NAI C . 1.47 2.52 28.09
H52N NAI C . 1.83 2.70 26.36
H4D NAI C . 0.41 4.56 27.20
H3D NAI C . -1.02 2.68 28.67
HO3N NAI C . -2.37 4.60 28.94
H2D NAI C . -2.16 1.80 26.82
HO2N NAI C . -3.83 2.83 28.14
H1D NAI C . -2.27 4.62 25.78
H2N NAI C . -2.81 5.01 23.64
H71N NAI C . -4.52 4.69 19.40
H72N NAI C . -4.39 3.09 20.07
H4N NAI C . -2.86 1.78 21.13
H42N NAI C . -4.47 1.78 21.85
H5N NAI C . -2.95 0.19 22.99
H6N NAI C . -2.15 1.15 25.06
C PYR D . -6.85 0.93 21.87
O PYR D . -6.60 -0.18 21.73
OXT PYR D . -7.67 1.36 21.05
CA PYR D . -6.36 1.69 22.91
O3 PYR D . -6.61 2.95 22.98
CB PYR D . -5.80 1.04 24.14
HB1 PYR D . -4.71 1.02 24.09
HB2 PYR D . -6.18 0.02 24.21
HB3 PYR D . -6.11 1.59 25.03
PA NAD E . 13.48 -6.73 -25.46
O1A NAD E . 13.68 -6.56 -26.96
O2A NAD E . 14.50 -6.08 -24.51
O5B NAD E . 13.34 -8.29 -25.11
C5B NAD E . 12.46 -9.17 -25.79
C4B NAD E . 13.22 -10.46 -25.84
O4B NAD E . 12.36 -11.41 -26.45
C3B NAD E . 14.51 -10.46 -26.62
O3B NAD E . 15.55 -10.84 -25.74
C2B NAD E . 14.27 -11.54 -27.68
O2B NAD E . 15.42 -12.29 -28.06
C1B NAD E . 13.21 -12.39 -27.04
N9A NAD E . 12.46 -13.22 -27.99
C8A NAD E . 12.16 -12.94 -29.28
N7A NAD E . 11.56 -14.02 -29.81
C5A NAD E . 11.49 -14.98 -28.88
C6A NAD E . 11.02 -16.36 -28.80
N6A NAD E . 10.39 -16.92 -29.89
N1A NAD E . 11.12 -16.95 -27.60
C2A NAD E . 11.73 -16.41 -26.51
N3A NAD E . 12.28 -15.19 -26.48
C4A NAD E . 12.12 -14.47 -27.65
O3 NAD E . 12.05 -6.16 -25.15
PN NAD E . 11.40 -5.70 -23.72
O1N NAD E . 11.72 -4.25 -23.44
O2N NAD E . 11.69 -6.66 -22.66
O5D NAD E . 9.85 -5.75 -24.11
C5D NAD E . 9.24 -7.02 -24.33
C4D NAD E . 7.80 -6.95 -24.79
O4D NAD E . 7.03 -6.30 -23.76
C3D NAD E . 7.63 -6.11 -26.08
O3D NAD E . 6.63 -6.78 -26.90
C2D NAD E . 7.08 -4.81 -25.57
O2D NAD E . 6.23 -4.12 -26.49
C1D NAD E . 6.25 -5.28 -24.40
N1N NAD E . 5.93 -4.26 -23.39
C2N NAD E . 4.69 -4.29 -22.91
C3N NAD E . 4.25 -3.48 -21.86
C7N NAD E . 2.85 -3.65 -21.35
O7N NAD E . 2.17 -4.71 -21.53
N7N NAD E . 2.42 -2.68 -20.54
C4N NAD E . 5.19 -2.54 -21.40
C5N NAD E . 6.48 -2.54 -21.95
C6N NAD E . 6.88 -3.43 -22.93
H51A NAD E . 12.24 -8.81 -26.79
H52A NAD E . 11.52 -9.28 -25.23
H4B NAD E . 13.44 -10.77 -24.81
H3B NAD E . 14.68 -9.47 -27.08
HO3A NAD E . 16.38 -10.89 -26.24
H2B NAD E . 13.84 -11.05 -28.56
HO2A NAD E . 16.03 -11.71 -28.53
H1B NAD E . 13.66 -13.02 -26.26
H8A NAD E . 12.36 -12.01 -29.80
H61A NAD E . 10.29 -16.38 -30.74
H62A NAD E . 10.02 -17.85 -29.83
H2A NAD E . 11.80 -17.02 -25.62
H51N NAD E . 9.82 -7.57 -25.07
H52N NAD E . 9.28 -7.59 -23.40
H4D NAD E . 7.42 -7.97 -24.97
H3D NAD E . 8.59 -5.97 -26.60
HO3N NAD E . 6.46 -6.26 -27.69
H2D NAD E . 7.89 -4.16 -25.23
HO2N NAD E . 6.74 -3.87 -27.28
H1D NAD E . 5.32 -5.72 -24.78
H2N NAD E . 4.02 -5.06 -23.27
H71N NAD E . 1.51 -2.73 -20.12
H72N NAD E . 3.01 -1.86 -20.38
H4N NAD E . 4.92 -1.86 -20.60
H5N NAD E . 7.20 -1.83 -21.58
H6N NAD E . 7.86 -3.40 -23.37
C PYR F . 4.22 0.87 -22.27
O PYR F . 5.30 1.40 -21.75
OXT PYR F . 3.01 1.35 -22.00
CA PYR F . 4.25 -0.19 -23.23
O3 PYR F . 3.17 -0.87 -23.64
CB PYR F . 5.48 -0.40 -24.04
HB1 PYR F . 6.08 -1.19 -23.59
HB2 PYR F . 6.06 0.52 -24.07
HB3 PYR F . 5.20 -0.69 -25.05
#